data_9LMP
#
_entry.id   9LMP
#
_cell.length_a   1.00
_cell.length_b   1.00
_cell.length_c   1.00
_cell.angle_alpha   90.00
_cell.angle_beta   90.00
_cell.angle_gamma   90.00
#
_symmetry.space_group_name_H-M   'P 1'
#
loop_
_entity.id
_entity.type
_entity.pdbx_description
1 polymer 'Heavy chain of anti-Bril Fab'
2 polymer 'Light chain of anti-Bril Fab'
3 polymer 'G-protein coupled receptor 4,Soluble cytochrome b562'
4 non-polymer NE52-QQ57
#
loop_
_entity_poly.entity_id
_entity_poly.type
_entity_poly.pdbx_seq_one_letter_code
_entity_poly.pdbx_strand_id
1 'polypeptide(L)'
;EISEVQLVESGGGLVQPGGSLRLSCAASGFNVVDFSLHWVRQAPGKGLEWVAYISSSSGSTSYADSVKGRFTISADTSKN
TAYLQMNSLRAEDTAVYYCARWGYWPGEPWWKAFDYWGQGTLVTVSSASTKGPSVFPLAPSSKSTSGGTAALGCLVKDYF
PEPVTVSWNSGALTSGVHTFPAVLQSSGLYSLSSVVTVPSSSLGTQTYICNVNHKPSNTKVDKKVEPKSCDKTHT
;
H
2 'polypeptide(L)'
;SDIQMTQSPSSLSASVGDRVTITCRASQSVSSAVAWYQQKPGKAPKLLIYSASSLYSGVPSRFSGSRSGTDFTLTISSLQ
PEDFATYYCQQYLYYSLVTFGQGTKVEIKRTVAAPSVFIFPPSDSQLKSGTASVVCLLNNFYPREAKVQWKVDNALQSGN
SQESVTEQDSKDSTYSLSSTLTLSKADYEKHKVYACEVTHQGLSSPVTKSFNRGEC
;
L
3 'polypeptide(L)'
;MGNHTWEGCHVDSRVDHLFPPSLYIFVIGVGLPTNCLALWAAYRQVQQRNELGVYLMNLSIADLLYICTLPLWVDYFLHH
DNWIHGPGSCKLFGFIFYTNIYISIAFLCCISVDRYLAVAHPLRFARLRRVKTAVAVSSVVWATELGANSAPLFHDELFR
DRYNHTFCFEKFPMEGWVAWMNLYRVFVGFLFPWALMLLSYRGILRAVDKRKADLEDNWETLNDNLKVIEKADNAAQVKD
ALTKMRAAALDAQKATDKSPDSPEMKDFRHGFDILVGQIDDALKLANEGKVKEAQAAAEQLKTTRNAYIQKYLEYLDGLE
RIKRLALSLIAIVLVCFAPYHVLLLSRSAIYLGRPWDCGFEERVFSAYHSSLAFTSLNCVADPILYCLVNEGARSDVAKA
LHNLLRFLASDKPQEMANASLTLETPLTSKRNSTAKAMTGSWAATPPSQGDQVQLKMLPPAQ
;
R
#
loop_
_chem_comp.id
_chem_comp.type
_chem_comp.name
_chem_comp.formula
A1L1E non-polymer NE52-QQ57 'C24 H28 N6 O'
#
# COMPACT_ATOMS: atom_id res chain seq x y z
N GLU A 4 20.18 9.66 19.33
CA GLU A 4 19.35 8.47 19.52
C GLU A 4 17.93 8.93 19.90
N VAL A 5 16.91 8.31 19.28
CA VAL A 5 15.47 8.61 19.48
C VAL A 5 14.84 7.63 20.44
N GLN A 6 14.46 8.11 21.63
CA GLN A 6 13.87 7.21 22.62
C GLN A 6 12.63 7.75 23.29
N LEU A 7 11.75 6.82 23.64
CA LEU A 7 10.61 7.09 24.46
C LEU A 7 10.69 6.11 25.61
N VAL A 8 10.77 6.58 26.83
CA VAL A 8 10.92 5.64 27.93
C VAL A 8 9.84 5.76 28.98
N GLU A 9 9.02 4.73 29.09
CA GLU A 9 7.95 4.71 30.05
C GLU A 9 8.42 4.27 31.41
N SER A 10 7.73 4.78 32.41
CA SER A 10 7.94 4.37 33.78
C SER A 10 6.71 4.69 34.62
N GLY A 11 6.66 4.16 35.84
CA GLY A 11 5.54 4.49 36.74
C GLY A 11 4.38 3.50 36.75
N GLY A 12 4.58 2.34 36.15
CA GLY A 12 3.51 1.35 36.15
C GLY A 12 3.54 0.64 37.47
N GLY A 13 2.83 -0.47 37.58
CA GLY A 13 2.77 -1.15 38.86
C GLY A 13 1.37 -1.55 39.23
N LEU A 14 1.22 -1.95 40.47
CA LEU A 14 -0.04 -2.43 41.00
C LEU A 14 -0.78 -1.38 41.77
N VAL A 15 -2.02 -1.18 41.37
CA VAL A 15 -2.92 -0.23 41.99
C VAL A 15 -4.24 -0.91 42.30
N GLN A 16 -4.88 -0.53 43.38
CA GLN A 16 -6.18 -1.10 43.74
C GLN A 16 -7.25 -0.38 42.93
N PRO A 17 -8.41 -0.99 42.68
CA PRO A 17 -9.51 -0.36 41.98
C PRO A 17 -9.88 0.90 42.71
N GLY A 18 -10.10 1.95 41.94
CA GLY A 18 -10.47 3.24 42.45
C GLY A 18 -9.26 4.09 42.75
N GLY A 19 -8.07 3.51 42.69
CA GLY A 19 -6.85 4.22 43.00
C GLY A 19 -6.29 4.89 41.79
N SER A 20 -5.05 5.34 41.89
CA SER A 20 -4.46 6.04 40.78
C SER A 20 -2.96 5.82 40.62
N LEU A 21 -2.52 6.02 39.38
CA LEU A 21 -1.12 5.97 38.98
C LEU A 21 -0.75 7.14 38.09
N ARG A 22 0.50 7.54 38.14
CA ARG A 22 0.96 8.58 37.23
C ARG A 22 2.05 8.00 36.37
N LEU A 23 1.78 7.77 35.10
CA LEU A 23 2.79 7.16 34.27
C LEU A 23 3.59 8.27 33.68
N SER A 24 4.84 8.01 33.43
CA SER A 24 5.71 8.99 32.81
C SER A 24 6.18 8.45 31.48
N CYS A 25 6.58 9.35 30.56
CA CYS A 25 7.19 9.06 29.27
C CYS A 25 8.31 10.05 29.01
N ALA A 26 9.53 9.62 29.26
CA ALA A 26 10.66 10.53 29.10
C ALA A 26 11.10 10.49 27.66
N ALA A 27 11.53 11.61 27.14
CA ALA A 27 12.04 11.62 25.79
C ALA A 27 13.53 11.91 25.73
N SER A 28 14.18 11.31 24.73
CA SER A 28 15.57 11.59 24.39
C SER A 28 15.68 11.77 22.89
N GLY A 29 16.63 12.60 22.46
CA GLY A 29 16.87 12.83 21.02
C GLY A 29 15.99 13.96 20.51
N PHE A 30 14.71 13.78 20.67
CA PHE A 30 13.69 14.75 20.31
C PHE A 30 13.07 15.30 21.56
N ASN A 31 12.47 16.47 21.47
CA ASN A 31 11.78 17.00 22.61
C ASN A 31 10.32 16.59 22.57
N VAL A 32 9.67 16.60 23.72
CA VAL A 32 8.24 16.36 23.85
C VAL A 32 7.47 17.37 23.01
N VAL A 33 7.91 18.61 22.96
CA VAL A 33 7.20 19.63 22.20
C VAL A 33 7.35 19.47 20.69
N ASP A 34 8.20 18.58 20.23
CA ASP A 34 8.41 18.45 18.81
C ASP A 34 7.45 17.48 18.14
N PHE A 35 6.60 16.81 18.91
CA PHE A 35 5.72 15.83 18.30
C PHE A 35 4.51 15.59 19.17
N SER A 36 3.53 14.88 18.67
CA SER A 36 2.38 14.52 19.47
C SER A 36 2.64 13.23 20.19
N LEU A 37 2.22 13.15 21.44
CA LEU A 37 2.42 11.93 22.18
C LEU A 37 1.14 11.21 22.35
N HIS A 38 1.22 9.93 22.17
CA HIS A 38 0.06 9.11 22.30
C HIS A 38 0.25 7.98 23.22
N TRP A 39 -0.78 7.64 23.91
CA TRP A 39 -0.74 6.47 24.71
C TRP A 39 -1.61 5.45 24.04
N VAL A 40 -1.08 4.27 23.90
CA VAL A 40 -1.73 3.14 23.32
C VAL A 40 -1.75 2.03 24.31
N ARG A 41 -2.87 1.45 24.51
CA ARG A 41 -3.01 0.43 25.49
C ARG A 41 -3.17 -0.96 24.91
N GLN A 42 -2.58 -1.93 25.56
CA GLN A 42 -2.80 -3.30 25.13
C GLN A 42 -3.17 -4.22 26.28
N ALA A 43 -4.44 -4.54 26.39
CA ALA A 43 -4.88 -5.37 27.48
C ALA A 43 -4.27 -6.73 27.24
N PRO A 44 -3.99 -7.55 28.25
CA PRO A 44 -3.40 -8.84 28.02
C PRO A 44 -4.26 -9.66 27.10
N GLY A 45 -3.66 -10.21 26.06
CA GLY A 45 -4.37 -11.06 25.11
C GLY A 45 -5.20 -10.30 24.08
N LYS A 46 -5.16 -8.98 24.10
CA LYS A 46 -5.97 -8.17 23.20
C LYS A 46 -5.14 -7.37 22.23
N GLY A 47 -5.84 -6.73 21.29
CA GLY A 47 -5.17 -5.90 20.32
C GLY A 47 -4.91 -4.55 20.92
N LEU A 48 -4.48 -3.62 20.12
CA LEU A 48 -4.12 -2.31 20.60
C LEU A 48 -5.31 -1.38 20.62
N GLU A 49 -5.37 -0.52 21.64
CA GLU A 49 -6.40 0.49 21.78
C GLU A 49 -5.79 1.86 21.94
N TRP A 50 -6.22 2.83 21.17
CA TRP A 50 -5.66 4.14 21.41
C TRP A 50 -6.31 4.69 22.65
N VAL A 51 -5.53 5.31 23.55
CA VAL A 51 -6.10 5.87 24.77
C VAL A 51 -6.09 7.36 24.88
N ALA A 52 -4.96 7.98 24.65
CA ALA A 52 -4.92 9.42 24.85
C ALA A 52 -3.88 10.09 24.02
N TYR A 53 -4.10 11.35 23.79
CA TYR A 53 -3.24 12.22 23.01
C TYR A 53 -2.95 13.54 23.61
N ILE A 54 -1.70 13.98 23.46
CA ILE A 54 -1.34 15.33 23.79
C ILE A 54 -0.43 15.96 22.79
N SER A 55 -0.69 17.20 22.49
CA SER A 55 0.21 18.00 21.69
C SER A 55 0.51 19.24 22.48
N SER A 56 1.71 19.28 23.04
CA SER A 56 2.12 20.36 23.92
C SER A 56 2.43 21.60 23.14
N SER A 57 2.57 21.46 21.83
CA SER A 57 2.83 22.59 20.97
C SER A 57 1.56 23.40 20.74
N SER A 58 0.37 22.80 20.93
CA SER A 58 -0.88 23.51 20.73
C SER A 58 -1.77 23.50 21.98
N GLY A 59 -1.45 22.65 22.97
CA GLY A 59 -2.26 22.55 24.18
C GLY A 59 -3.51 21.73 23.94
N SER A 60 -3.41 20.80 22.99
CA SER A 60 -4.54 19.98 22.62
C SER A 60 -4.45 18.57 23.11
N THR A 61 -5.50 18.13 23.77
CA THR A 61 -5.55 16.78 24.27
C THR A 61 -6.82 16.10 23.87
N SER A 62 -6.80 14.79 23.89
CA SER A 62 -8.01 14.03 23.67
C SER A 62 -7.90 12.69 24.30
N TYR A 63 -9.05 12.09 24.51
CA TYR A 63 -9.12 10.80 25.15
C TYR A 63 -10.06 9.87 24.46
N ALA A 64 -9.79 8.59 24.57
CA ALA A 64 -10.70 7.57 24.12
C ALA A 64 -11.93 7.63 24.97
N ASP A 65 -13.10 7.33 24.42
CA ASP A 65 -14.32 7.38 25.21
C ASP A 65 -14.27 6.54 26.47
N SER A 66 -13.57 5.43 26.40
CA SER A 66 -13.47 4.52 27.51
C SER A 66 -12.78 5.09 28.75
N VAL A 67 -12.02 6.19 28.60
CA VAL A 67 -11.31 6.81 29.71
C VAL A 67 -11.67 8.30 29.92
N LYS A 68 -12.71 8.80 29.25
CA LYS A 68 -12.98 10.22 29.40
C LYS A 68 -13.43 10.58 30.80
N GLY A 69 -12.80 11.60 31.34
CA GLY A 69 -13.10 12.11 32.67
C GLY A 69 -12.39 11.32 33.74
N ARG A 70 -11.65 10.31 33.32
CA ARG A 70 -10.96 9.44 34.23
C ARG A 70 -9.47 9.69 34.12
N PHE A 71 -8.97 9.83 32.90
CA PHE A 71 -7.56 10.06 32.72
C PHE A 71 -7.27 11.52 32.37
N THR A 72 -6.14 12.01 32.83
CA THR A 72 -5.66 13.34 32.46
C THR A 72 -4.29 13.25 31.81
N ILE A 73 -4.11 13.88 30.67
CA ILE A 73 -2.82 13.78 30.04
C ILE A 73 -2.19 15.14 30.07
N SER A 74 -0.91 15.19 30.38
CA SER A 74 -0.20 16.45 30.49
C SER A 74 1.25 16.27 30.13
N ALA A 75 1.97 17.37 29.99
CA ALA A 75 3.38 17.25 29.70
C ALA A 75 4.13 18.42 30.25
N ASP A 76 5.41 18.19 30.53
CA ASP A 76 6.29 19.23 31.00
C ASP A 76 7.56 19.18 30.21
N THR A 77 7.67 20.11 29.28
CA THR A 77 8.74 20.11 28.33
C THR A 77 10.06 20.54 28.95
N SER A 78 10.04 21.07 30.17
CA SER A 78 11.30 21.50 30.79
C SER A 78 12.11 20.29 31.25
N LYS A 79 11.46 19.13 31.36
CA LYS A 79 12.11 17.90 31.78
C LYS A 79 12.06 16.93 30.62
N ASN A 80 11.55 17.42 29.51
CA ASN A 80 11.34 16.66 28.32
C ASN A 80 10.58 15.38 28.65
N THR A 81 9.54 15.49 29.49
CA THR A 81 8.78 14.33 29.92
C THR A 81 7.28 14.56 29.86
N ALA A 82 6.54 13.55 29.40
CA ALA A 82 5.09 13.59 29.38
C ALA A 82 4.51 12.67 30.42
N TYR A 83 3.29 12.94 30.84
CA TYR A 83 2.65 12.14 31.87
C TYR A 83 1.21 11.72 31.57
N LEU A 84 0.80 10.57 32.10
CA LEU A 84 -0.60 10.19 32.02
C LEU A 84 -1.10 9.90 33.42
N GLN A 85 -2.05 10.67 33.88
CA GLN A 85 -2.59 10.53 35.21
C GLN A 85 -3.83 9.70 35.13
N MET A 86 -3.78 8.55 35.75
CA MET A 86 -4.85 7.60 35.67
C MET A 86 -5.61 7.51 36.97
N ASN A 87 -6.77 8.17 37.06
CA ASN A 87 -7.53 8.20 38.30
C ASN A 87 -8.70 7.26 38.24
N SER A 88 -9.23 6.88 39.39
CA SER A 88 -10.42 6.05 39.43
C SER A 88 -10.31 4.83 38.54
N LEU A 89 -9.21 4.12 38.65
CA LEU A 89 -8.99 2.96 37.81
C LEU A 89 -9.90 1.80 38.05
N ARG A 90 -10.29 1.15 36.95
CA ARG A 90 -11.14 -0.01 36.98
C ARG A 90 -10.36 -1.26 36.60
N ALA A 91 -10.89 -2.44 36.89
CA ALA A 91 -10.17 -3.66 36.52
C ALA A 91 -9.87 -3.74 35.04
N GLU A 92 -10.77 -3.19 34.23
CA GLU A 92 -10.69 -3.18 32.79
C GLU A 92 -9.52 -2.36 32.24
N ASP A 93 -8.88 -1.56 33.08
CA ASP A 93 -7.77 -0.73 32.66
C ASP A 93 -6.44 -1.46 32.76
N THR A 94 -6.45 -2.74 33.15
CA THR A 94 -5.19 -3.47 33.18
C THR A 94 -4.70 -3.64 31.78
N ALA A 95 -3.48 -3.22 31.55
CA ALA A 95 -2.90 -3.26 30.23
C ALA A 95 -1.47 -2.85 30.20
N VAL A 96 -0.80 -3.12 29.11
CA VAL A 96 0.48 -2.50 28.91
C VAL A 96 0.27 -1.18 28.22
N TYR A 97 0.78 -0.14 28.81
CA TYR A 97 0.63 1.19 28.26
C TYR A 97 1.87 1.60 27.56
N TYR A 98 1.75 1.93 26.29
CA TYR A 98 2.89 2.31 25.50
C TYR A 98 2.75 3.77 25.18
N CYS A 99 3.87 4.49 25.16
CA CYS A 99 3.97 5.88 24.76
C CYS A 99 4.48 5.87 23.32
N ALA A 100 3.83 6.60 22.43
CA ALA A 100 4.26 6.61 21.04
C ALA A 100 4.31 8.00 20.46
N ARG A 101 5.26 8.17 19.57
CA ARG A 101 5.56 9.36 18.81
C ARG A 101 5.08 9.43 17.39
N TRP A 102 4.24 10.45 17.14
CA TRP A 102 3.61 10.78 15.86
C TRP A 102 3.81 12.27 15.62
N GLY A 103 4.38 12.68 14.50
CA GLY A 103 4.68 14.08 14.31
C GLY A 103 3.52 14.91 13.84
N TYR A 104 3.86 16.14 13.50
CA TYR A 104 2.87 17.12 13.11
C TYR A 104 2.73 17.27 11.63
N TRP A 105 1.53 17.58 11.21
CA TRP A 105 1.17 17.91 9.86
C TRP A 105 1.78 19.26 9.56
N PRO A 106 2.22 19.55 8.33
CA PRO A 106 2.33 18.79 7.09
C PRO A 106 3.52 17.89 6.96
N GLY A 107 3.48 17.01 5.97
CA GLY A 107 4.65 16.25 5.57
C GLY A 107 4.83 14.90 6.23
N GLU A 108 6.00 14.32 5.97
CA GLU A 108 6.36 13.00 6.38
C GLU A 108 6.26 12.71 7.86
N PRO A 109 6.57 13.61 8.80
CA PRO A 109 6.44 13.34 10.21
C PRO A 109 5.03 12.96 10.60
N TRP A 110 4.03 13.32 9.78
CA TRP A 110 2.66 13.00 10.06
C TRP A 110 2.29 11.71 9.37
N TRP A 111 2.73 11.55 8.12
CA TRP A 111 2.39 10.35 7.37
C TRP A 111 3.02 9.13 7.98
N LYS A 112 4.20 9.32 8.52
CA LYS A 112 4.88 8.28 9.25
C LYS A 112 4.14 8.39 10.55
N ALA A 113 3.52 7.34 11.03
CA ALA A 113 2.72 7.56 12.20
C ALA A 113 3.41 7.21 13.48
N PHE A 114 3.09 6.08 14.08
CA PHE A 114 3.74 5.79 15.33
C PHE A 114 5.09 5.16 15.06
N ASP A 115 6.03 6.01 14.66
CA ASP A 115 7.35 5.55 14.31
C ASP A 115 8.08 5.08 15.52
N TYR A 116 7.91 5.79 16.62
CA TYR A 116 8.65 5.37 17.77
C TYR A 116 7.74 5.07 18.91
N TRP A 117 7.96 3.92 19.47
CA TRP A 117 7.20 3.45 20.58
C TRP A 117 8.16 3.28 21.70
N GLY A 118 7.68 3.47 22.89
CA GLY A 118 8.52 3.20 24.01
C GLY A 118 8.44 1.73 24.31
N GLN A 119 8.98 1.35 25.45
CA GLN A 119 9.05 -0.04 25.82
C GLN A 119 7.75 -0.58 26.38
N GLY A 120 6.97 0.33 26.95
CA GLY A 120 5.69 0.01 27.53
C GLY A 120 5.79 -0.28 29.00
N THR A 121 4.75 0.03 29.75
CA THR A 121 4.78 -0.30 31.16
C THR A 121 3.48 -0.92 31.58
N LEU A 122 3.54 -1.90 32.46
CA LEU A 122 2.33 -2.56 32.86
C LEU A 122 1.63 -1.97 34.04
N VAL A 123 0.36 -1.75 33.85
CA VAL A 123 -0.54 -1.30 34.88
C VAL A 123 -1.51 -2.40 35.17
N THR A 124 -1.51 -2.84 36.41
CA THR A 124 -2.40 -3.92 36.80
C THR A 124 -3.28 -3.42 37.91
N VAL A 125 -4.58 -3.50 37.67
CA VAL A 125 -5.53 -2.97 38.62
C VAL A 125 -6.24 -4.12 39.28
N SER A 126 -6.04 -4.27 40.57
CA SER A 126 -6.60 -5.41 41.27
C SER A 126 -6.68 -5.22 42.74
N SER A 127 -7.74 -5.73 43.32
CA SER A 127 -7.96 -5.69 44.75
C SER A 127 -7.17 -6.75 45.48
N ALA A 128 -6.61 -7.68 44.73
CA ALA A 128 -5.89 -8.79 45.32
C ALA A 128 -4.64 -8.34 46.05
N SER A 129 -4.39 -8.97 47.17
CA SER A 129 -3.19 -8.73 47.93
C SER A 129 -2.13 -9.70 47.44
N THR A 130 -0.90 -9.50 47.83
CA THR A 130 0.15 -10.41 47.43
C THR A 130 -0.08 -11.78 48.07
N LYS A 131 0.01 -12.84 47.27
CA LYS A 131 -0.16 -14.21 47.74
C LYS A 131 0.90 -15.13 47.18
N GLY A 132 1.37 -16.08 47.99
CA GLY A 132 2.24 -17.09 47.46
C GLY A 132 1.31 -18.11 46.83
N PRO A 133 1.82 -19.11 46.14
CA PRO A 133 1.08 -20.11 45.46
C PRO A 133 0.58 -21.20 46.35
N SER A 134 -0.42 -21.88 45.87
CA SER A 134 -0.76 -23.20 46.38
C SER A 134 -0.21 -24.12 45.30
N VAL A 135 0.69 -25.04 45.63
CA VAL A 135 1.21 -25.86 44.54
C VAL A 135 0.76 -27.30 44.69
N PHE A 136 0.07 -27.77 43.65
CA PHE A 136 -0.53 -29.08 43.58
C PHE A 136 0.12 -29.99 42.55
N PRO A 137 0.41 -31.26 42.85
CA PRO A 137 0.93 -32.23 41.92
C PRO A 137 -0.07 -32.78 40.92
N LEU A 138 0.10 -32.47 39.65
CA LEU A 138 -0.76 -33.01 38.61
C LEU A 138 -0.13 -34.32 38.21
N ALA A 139 -0.16 -35.27 39.11
CA ALA A 139 0.50 -36.52 38.84
C ALA A 139 -0.27 -37.27 37.77
N PRO A 140 0.40 -38.00 36.85
CA PRO A 140 -0.22 -38.83 35.86
C PRO A 140 -0.72 -40.09 36.47
N SER A 141 -1.76 -40.65 35.88
CA SER A 141 -2.21 -41.96 36.25
C SER A 141 -1.43 -42.98 35.46
N SER A 142 -1.09 -44.10 36.10
CA SER A 142 -0.34 -45.17 35.46
C SER A 142 -1.15 -45.89 34.40
N LYS A 143 -2.46 -45.68 34.41
CA LYS A 143 -3.34 -46.30 33.44
C LYS A 143 -3.57 -45.40 32.22
N SER A 144 -3.09 -44.16 32.25
CA SER A 144 -3.34 -43.24 31.14
C SER A 144 -2.32 -43.42 30.06
N THR A 145 -2.81 -43.45 28.81
CA THR A 145 -1.99 -43.62 27.61
C THR A 145 -0.86 -44.60 27.92
N SER A 146 -1.24 -45.78 28.40
CA SER A 146 -0.26 -46.73 28.91
C SER A 146 0.71 -47.14 27.83
N GLY A 147 1.98 -47.18 28.20
CA GLY A 147 3.05 -47.58 27.31
C GLY A 147 3.65 -46.40 26.53
N GLY A 148 3.02 -45.23 26.63
CA GLY A 148 3.46 -44.05 25.91
C GLY A 148 4.16 -43.04 26.81
N THR A 149 4.00 -41.78 26.46
CA THR A 149 4.62 -40.70 27.18
C THR A 149 3.63 -40.09 28.13
N ALA A 150 3.98 -40.06 29.40
CA ALA A 150 3.07 -39.55 30.41
C ALA A 150 3.22 -38.07 30.56
N ALA A 151 2.15 -37.42 30.88
CA ALA A 151 2.26 -36.02 31.14
C ALA A 151 2.22 -35.79 32.63
N LEU A 152 3.22 -35.18 33.24
CA LEU A 152 3.19 -35.00 34.68
C LEU A 152 3.30 -33.51 34.82
N GLY A 153 2.64 -32.92 35.80
CA GLY A 153 2.80 -31.51 35.99
C GLY A 153 2.47 -31.05 37.37
N CYS A 154 2.43 -29.73 37.55
CA CYS A 154 2.11 -29.03 38.77
C CYS A 154 1.18 -27.86 38.47
N LEU A 155 0.26 -27.67 39.37
CA LEU A 155 -0.69 -26.60 39.29
C LEU A 155 -0.33 -25.57 40.34
N VAL A 156 -0.06 -24.35 39.89
CA VAL A 156 0.35 -23.29 40.79
C VAL A 156 -0.82 -22.35 40.87
N LYS A 157 -1.56 -22.45 41.96
CA LYS A 157 -2.85 -21.80 42.10
C LYS A 157 -2.93 -20.62 43.07
N ASP A 158 -3.85 -19.70 42.78
CA ASP A 158 -4.18 -18.56 43.62
C ASP A 158 -3.03 -17.67 44.03
N TYR A 159 -2.19 -17.30 43.09
CA TYR A 159 -1.06 -16.45 43.45
C TYR A 159 -1.23 -15.04 42.93
N PHE A 160 -0.53 -14.10 43.53
CA PHE A 160 -0.60 -12.73 43.03
C PHE A 160 0.59 -11.94 43.51
N PRO A 161 1.21 -11.10 42.70
CA PRO A 161 1.06 -10.73 41.31
C PRO A 161 1.57 -11.76 40.32
N GLU A 162 1.42 -11.42 39.05
CA GLU A 162 1.74 -12.14 37.83
C GLU A 162 3.07 -12.90 37.56
N PRO A 163 4.27 -12.38 37.89
CA PRO A 163 5.55 -12.91 37.44
C PRO A 163 6.07 -14.13 38.14
N VAL A 164 5.43 -15.25 37.94
CA VAL A 164 5.86 -16.51 38.56
C VAL A 164 6.65 -17.41 37.64
N THR A 165 7.80 -17.87 38.14
CA THR A 165 8.66 -18.73 37.37
C THR A 165 8.61 -20.16 37.85
N VAL A 166 8.42 -21.07 36.93
CA VAL A 166 8.41 -22.48 37.27
C VAL A 166 9.44 -23.20 36.43
N SER A 167 10.27 -23.98 37.07
CA SER A 167 11.27 -24.75 36.38
C SER A 167 11.26 -26.16 36.90
N TRP A 168 11.79 -27.09 36.14
CA TRP A 168 11.80 -28.46 36.61
C TRP A 168 13.18 -28.99 36.89
N ASN A 169 13.26 -29.75 37.98
CA ASN A 169 14.49 -30.39 38.41
C ASN A 169 15.62 -29.38 38.48
N SER A 170 15.30 -28.21 39.01
CA SER A 170 16.21 -27.10 39.20
C SER A 170 16.90 -26.65 37.92
N GLY A 171 16.21 -26.73 36.78
CA GLY A 171 16.78 -26.27 35.53
C GLY A 171 17.33 -27.41 34.68
N ALA A 172 17.39 -28.61 35.26
CA ALA A 172 17.88 -29.78 34.54
C ALA A 172 16.91 -30.27 33.48
N LEU A 173 15.60 -30.10 33.68
CA LEU A 173 14.64 -30.60 32.72
C LEU A 173 14.02 -29.49 31.90
N THR A 174 14.45 -29.39 30.65
CA THR A 174 13.93 -28.38 29.75
C THR A 174 13.27 -29.01 28.54
N SER A 175 13.60 -30.27 28.28
CA SER A 175 13.07 -30.96 27.12
C SER A 175 11.69 -31.48 27.42
N GLY A 176 10.72 -31.18 26.55
CA GLY A 176 9.36 -31.64 26.73
C GLY A 176 8.61 -30.85 27.81
N VAL A 177 8.99 -29.59 28.02
CA VAL A 177 8.35 -28.84 29.09
C VAL A 177 7.51 -27.68 28.60
N HIS A 178 6.25 -27.69 28.98
CA HIS A 178 5.30 -26.65 28.61
C HIS A 178 4.74 -25.89 29.79
N THR A 179 5.04 -24.60 29.86
CA THR A 179 4.48 -23.83 30.94
C THR A 179 3.42 -22.99 30.28
N PHE A 180 2.22 -23.11 30.78
CA PHE A 180 1.08 -22.42 30.23
C PHE A 180 1.02 -21.03 30.81
N PRO A 181 0.57 -20.02 30.07
CA PRO A 181 0.31 -18.71 30.57
C PRO A 181 -0.70 -18.81 31.69
N ALA A 182 -0.54 -17.99 32.71
CA ALA A 182 -1.47 -18.00 33.84
C ALA A 182 -2.78 -17.42 33.46
N VAL A 183 -3.81 -17.96 34.04
CA VAL A 183 -5.13 -17.44 33.83
C VAL A 183 -5.60 -16.69 35.04
N LEU A 184 -6.15 -15.49 34.83
CA LEU A 184 -6.69 -14.73 35.93
C LEU A 184 -8.00 -15.34 36.35
N GLN A 185 -8.12 -15.62 37.63
CA GLN A 185 -9.28 -16.24 38.19
C GLN A 185 -10.24 -15.17 38.65
N SER A 186 -11.50 -15.53 38.85
CA SER A 186 -12.52 -14.59 39.31
C SER A 186 -12.25 -14.06 40.72
N SER A 187 -11.35 -14.73 41.44
CA SER A 187 -10.90 -14.37 42.77
C SER A 187 -9.95 -13.18 42.76
N GLY A 188 -9.41 -12.84 41.58
CA GLY A 188 -8.44 -11.77 41.42
C GLY A 188 -7.01 -12.30 41.45
N LEU A 189 -6.88 -13.59 41.72
CA LEU A 189 -5.61 -14.26 41.80
C LEU A 189 -5.35 -15.04 40.51
N TYR A 190 -4.11 -15.43 40.26
CA TYR A 190 -3.72 -16.17 39.05
C TYR A 190 -3.41 -17.63 39.22
N SER A 191 -3.56 -18.39 38.12
CA SER A 191 -3.18 -19.80 38.14
C SER A 191 -2.43 -20.33 36.90
N LEU A 192 -1.26 -20.94 37.15
CA LEU A 192 -0.36 -21.56 36.17
C LEU A 192 -0.43 -23.04 36.18
N SER A 193 -0.09 -23.62 35.07
CA SER A 193 0.03 -25.05 34.99
C SER A 193 1.28 -25.36 34.20
N SER A 194 2.09 -26.24 34.75
CA SER A 194 3.33 -26.61 34.12
C SER A 194 3.44 -28.11 33.99
N VAL A 195 3.57 -28.55 32.74
CA VAL A 195 3.60 -29.96 32.40
C VAL A 195 4.83 -30.41 31.63
N VAL A 196 5.39 -31.53 32.05
CA VAL A 196 6.54 -32.12 31.40
C VAL A 196 6.16 -33.47 30.84
N THR A 197 6.65 -33.80 29.65
CA THR A 197 6.33 -35.09 29.08
C THR A 197 7.47 -36.08 29.30
N VAL A 198 7.13 -37.24 29.85
CA VAL A 198 8.16 -38.21 30.16
C VAL A 198 7.82 -39.62 29.78
N PRO A 199 8.80 -40.38 29.29
CA PRO A 199 8.57 -41.77 28.93
C PRO A 199 7.93 -42.52 30.05
N SER A 200 6.96 -43.36 29.75
CA SER A 200 6.23 -44.05 30.81
C SER A 200 7.12 -44.73 31.79
N SER A 201 8.12 -45.45 31.32
CA SER A 201 8.94 -46.21 32.24
C SER A 201 9.59 -45.30 33.25
N SER A 202 9.97 -44.10 32.83
CA SER A 202 10.68 -43.22 33.74
C SER A 202 9.86 -42.86 34.95
N LEU A 203 8.59 -43.24 34.98
CA LEU A 203 7.77 -42.99 36.13
C LEU A 203 8.59 -43.38 37.33
N GLY A 204 8.93 -44.65 37.41
CA GLY A 204 9.80 -45.08 38.47
C GLY A 204 11.09 -44.38 38.17
N THR A 205 11.77 -43.88 39.19
CA THR A 205 13.03 -43.15 39.00
C THR A 205 12.82 -41.75 38.45
N GLN A 206 13.91 -41.05 38.21
CA GLN A 206 13.84 -39.70 37.69
C GLN A 206 12.77 -38.93 38.42
N THR A 207 12.87 -38.91 39.74
CA THR A 207 11.91 -38.13 40.49
C THR A 207 11.85 -36.76 39.87
N TYR A 208 10.65 -36.21 39.80
CA TYR A 208 10.49 -34.92 39.19
C TYR A 208 10.04 -33.89 40.21
N ILE A 209 10.70 -32.76 40.23
CA ILE A 209 10.40 -31.69 41.15
C ILE A 209 9.99 -30.43 40.42
N CYS A 210 8.84 -29.86 40.82
CA CYS A 210 8.31 -28.60 40.34
C CYS A 210 8.86 -27.54 41.26
N ASN A 211 9.70 -26.70 40.70
CA ASN A 211 10.35 -25.65 41.46
C ASN A 211 9.67 -24.33 41.19
N VAL A 212 8.87 -23.87 42.14
CA VAL A 212 8.06 -22.70 41.94
C VAL A 212 8.61 -21.50 42.68
N ASN A 213 8.91 -20.44 41.94
CA ASN A 213 9.54 -19.24 42.50
C ASN A 213 8.78 -17.94 42.34
N HIS A 214 8.46 -17.32 43.48
CA HIS A 214 7.71 -16.08 43.52
C HIS A 214 8.51 -14.99 44.16
N LYS A 215 9.20 -14.20 43.34
CA LYS A 215 10.03 -13.17 43.91
C LYS A 215 9.21 -12.17 44.75
N PRO A 216 8.03 -11.69 44.32
CA PRO A 216 7.21 -10.73 45.03
C PRO A 216 6.73 -11.17 46.39
N SER A 217 6.75 -12.46 46.68
CA SER A 217 6.27 -12.93 47.97
C SER A 217 7.36 -13.64 48.72
N ASN A 218 8.61 -13.55 48.23
CA ASN A 218 9.75 -14.20 48.86
C ASN A 218 9.46 -15.67 49.12
N THR A 219 8.81 -16.33 48.15
CA THR A 219 8.40 -17.70 48.35
C THR A 219 8.92 -18.69 47.34
N LYS A 220 9.42 -19.80 47.86
CA LYS A 220 9.92 -20.87 47.03
C LYS A 220 9.27 -22.17 47.48
N VAL A 221 8.65 -22.87 46.54
CA VAL A 221 7.98 -24.11 46.84
C VAL A 221 8.48 -25.25 45.98
N ASP A 222 8.93 -26.32 46.62
CA ASP A 222 9.43 -27.48 45.89
C ASP A 222 8.51 -28.70 46.03
N LYS A 223 7.80 -29.07 44.96
CA LYS A 223 6.91 -30.23 45.06
C LYS A 223 7.29 -31.38 44.19
N LYS A 224 7.17 -32.57 44.76
CA LYS A 224 7.41 -33.80 44.03
C LYS A 224 6.12 -34.28 43.40
N VAL A 225 6.17 -34.54 42.12
CA VAL A 225 5.01 -35.01 41.42
C VAL A 225 5.18 -36.50 41.22
N GLU A 226 4.29 -37.29 41.80
CA GLU A 226 4.45 -38.74 41.74
C GLU A 226 3.09 -39.42 41.61
N PRO A 227 2.93 -40.45 40.76
CA PRO A 227 1.73 -41.26 40.61
C PRO A 227 1.34 -41.96 41.90
N LYS A 228 0.03 -42.11 42.16
CA LYS A 228 -0.52 -42.81 43.33
C LYS A 228 -0.69 -44.29 42.97
N ASP B 2 -14.73 6.34 15.55
CA ASP B 2 -15.85 5.67 14.88
C ASP B 2 -15.45 4.98 13.56
N ILE B 3 -14.25 5.27 13.00
CA ILE B 3 -13.83 4.69 11.73
C ILE B 3 -13.14 3.39 11.98
N GLN B 4 -13.95 2.36 11.94
CA GLN B 4 -13.54 1.00 12.21
C GLN B 4 -12.76 0.41 11.06
N MET B 5 -11.79 -0.44 11.40
CA MET B 5 -11.05 -1.15 10.39
C MET B 5 -11.19 -2.63 10.66
N THR B 6 -11.44 -3.41 9.63
CA THR B 6 -11.58 -4.85 9.83
C THR B 6 -10.56 -5.66 9.10
N GLN B 7 -9.80 -6.49 9.82
CA GLN B 7 -8.84 -7.34 9.16
C GLN B 7 -9.48 -8.69 8.96
N SER B 8 -9.39 -9.22 7.76
CA SER B 8 -10.04 -10.49 7.51
C SER B 8 -9.31 -11.76 8.05
N PRO B 9 -8.07 -12.05 7.69
CA PRO B 9 -7.39 -13.25 8.07
C PRO B 9 -6.85 -13.17 9.47
N SER B 10 -7.70 -13.32 10.49
CA SER B 10 -7.26 -13.09 11.89
C SER B 10 -6.13 -14.02 12.28
N SER B 11 -6.01 -15.12 11.58
CA SER B 11 -4.93 -16.06 11.74
C SER B 11 -4.63 -16.61 10.38
N LEU B 12 -3.37 -16.51 10.00
CA LEU B 12 -2.92 -16.96 8.71
C LEU B 12 -1.75 -17.90 8.88
N SER B 13 -1.82 -19.08 8.28
CA SER B 13 -0.71 -20.01 8.37
C SER B 13 0.09 -19.93 7.09
N ALA B 14 1.40 -19.84 7.20
CA ALA B 14 2.23 -19.80 6.00
C ALA B 14 3.60 -20.42 6.23
N SER B 15 4.20 -20.94 5.17
CA SER B 15 5.53 -21.53 5.27
C SER B 15 6.63 -20.50 5.14
N VAL B 16 7.82 -20.85 5.54
CA VAL B 16 8.91 -19.92 5.30
C VAL B 16 9.15 -19.92 3.80
N GLY B 17 9.24 -18.74 3.22
CA GLY B 17 9.41 -18.58 1.79
C GLY B 17 8.09 -18.41 1.06
N ASP B 18 6.99 -18.53 1.79
CA ASP B 18 5.65 -18.43 1.27
C ASP B 18 5.15 -17.01 1.11
N ARG B 19 4.14 -16.85 0.29
CA ARG B 19 3.50 -15.56 0.00
C ARG B 19 2.32 -15.27 0.91
N VAL B 20 2.37 -14.15 1.63
CA VAL B 20 1.32 -13.81 2.58
C VAL B 20 0.56 -12.54 2.31
N THR B 21 -0.75 -12.63 2.21
CA THR B 21 -1.52 -11.40 2.00
C THR B 21 -2.53 -11.20 3.12
N ILE B 22 -2.46 -10.02 3.73
CA ILE B 22 -3.36 -9.61 4.80
C ILE B 22 -4.23 -8.46 4.34
N THR B 23 -5.53 -8.67 4.36
CA THR B 23 -6.48 -7.65 3.87
C THR B 23 -7.25 -6.98 5.02
N CYS B 24 -7.33 -5.62 4.97
CA CYS B 24 -7.98 -4.75 5.94
C CYS B 24 -8.98 -3.80 5.27
N ARG B 25 -10.19 -3.73 5.79
CA ARG B 25 -11.20 -2.85 5.20
C ARG B 25 -11.64 -1.70 6.09
N ALA B 26 -11.63 -0.50 5.53
CA ALA B 26 -12.12 0.66 6.27
C ALA B 26 -13.61 0.73 6.19
N SER B 27 -14.25 1.18 7.26
CA SER B 27 -15.70 1.36 7.28
C SER B 27 -16.17 2.55 6.47
N GLN B 28 -15.25 3.44 6.18
CA GLN B 28 -15.56 4.63 5.41
C GLN B 28 -14.33 5.05 4.71
N SER B 29 -14.44 6.05 3.87
CA SER B 29 -13.26 6.50 3.19
C SER B 29 -12.22 7.03 4.13
N VAL B 30 -11.02 6.53 3.90
CA VAL B 30 -9.80 6.89 4.55
C VAL B 30 -8.87 7.12 3.37
N SER B 31 -8.13 8.20 3.39
CA SER B 31 -7.19 8.53 2.36
C SER B 31 -6.10 7.53 2.55
N SER B 32 -5.04 7.56 1.79
CA SER B 32 -4.01 6.55 2.00
C SER B 32 -3.26 6.87 3.29
N ALA B 33 -3.94 6.64 4.42
CA ALA B 33 -3.56 6.97 5.77
C ALA B 33 -3.66 5.74 6.62
N VAL B 34 -3.28 4.63 6.03
CA VAL B 34 -3.27 3.38 6.73
C VAL B 34 -1.89 2.85 6.87
N ALA B 35 -1.52 2.54 8.09
CA ALA B 35 -0.21 2.05 8.37
C ALA B 35 -0.25 0.62 8.82
N TRP B 36 0.82 -0.08 8.59
CA TRP B 36 0.90 -1.43 9.08
C TRP B 36 2.02 -1.55 10.07
N TYR B 37 1.75 -2.26 11.16
CA TYR B 37 2.72 -2.46 12.22
C TYR B 37 2.97 -3.90 12.52
N GLN B 38 4.20 -4.23 12.89
CA GLN B 38 4.57 -5.60 13.24
C GLN B 38 4.87 -5.72 14.72
N GLN B 39 4.14 -6.56 15.41
CA GLN B 39 4.36 -6.72 16.83
C GLN B 39 4.78 -8.12 17.19
N LYS B 40 5.88 -8.23 17.91
CA LYS B 40 6.34 -9.52 18.34
C LYS B 40 6.02 -9.58 19.82
N PRO B 41 5.78 -10.74 20.42
CA PRO B 41 5.42 -10.83 21.81
C PRO B 41 6.41 -10.15 22.70
N GLY B 42 5.89 -9.35 23.63
CA GLY B 42 6.72 -8.63 24.59
C GLY B 42 7.31 -7.33 24.08
N LYS B 43 7.05 -6.97 22.82
CA LYS B 43 7.64 -5.77 22.27
C LYS B 43 6.62 -4.76 21.80
N ALA B 44 7.03 -3.51 21.78
CA ALA B 44 6.18 -2.48 21.23
C ALA B 44 6.12 -2.70 19.74
N PRO B 45 5.04 -2.35 19.04
CA PRO B 45 4.89 -2.46 17.62
C PRO B 45 5.91 -1.65 16.85
N LYS B 46 6.34 -2.19 15.72
CA LYS B 46 7.25 -1.48 14.82
C LYS B 46 6.51 -1.10 13.56
N LEU B 47 6.75 0.10 13.05
CA LEU B 47 6.11 0.50 11.80
C LEU B 47 6.77 -0.11 10.59
N LEU B 48 5.97 -0.72 9.73
CA LEU B 48 6.46 -1.32 8.50
C LEU B 48 6.19 -0.43 7.32
N ILE B 49 4.91 -0.14 7.15
CA ILE B 49 4.35 0.59 6.02
C ILE B 49 3.55 1.77 6.44
N TYR B 50 3.77 2.89 5.81
CA TYR B 50 3.00 4.05 6.13
C TYR B 50 2.42 4.60 4.84
N SER B 51 1.35 5.36 4.97
CA SER B 51 0.62 5.91 3.84
C SER B 51 0.16 4.83 2.88
N ALA B 52 -0.23 3.68 3.42
CA ALA B 52 -0.72 2.51 2.72
C ALA B 52 0.19 2.08 1.60
N SER B 53 1.48 2.36 1.68
CA SER B 53 2.35 2.03 0.57
C SER B 53 3.81 1.95 0.93
N SER B 54 4.39 3.11 1.19
CA SER B 54 5.80 3.30 1.44
C SER B 54 6.37 2.56 2.62
N LEU B 55 7.57 2.03 2.46
CA LEU B 55 8.23 1.40 3.57
C LEU B 55 8.92 2.37 4.44
N TYR B 56 8.93 2.05 5.70
CA TYR B 56 9.65 2.80 6.68
C TYR B 56 11.10 2.40 6.55
N SER B 57 12.01 3.35 6.68
CA SER B 57 13.41 2.98 6.56
C SER B 57 13.80 1.89 7.54
N GLY B 58 14.55 0.93 7.05
CA GLY B 58 15.02 -0.19 7.84
C GLY B 58 14.15 -1.43 7.68
N VAL B 59 13.01 -1.27 7.06
CA VAL B 59 12.10 -2.38 6.85
C VAL B 59 12.47 -3.10 5.57
N PRO B 60 12.64 -4.43 5.58
CA PRO B 60 12.98 -5.23 4.44
C PRO B 60 12.00 -5.07 3.30
N SER B 61 12.52 -5.19 2.09
CA SER B 61 11.83 -5.08 0.81
C SER B 61 10.78 -6.14 0.58
N ARG B 62 10.79 -7.13 1.45
CA ARG B 62 9.84 -8.22 1.45
C ARG B 62 8.45 -7.66 1.67
N PHE B 63 8.36 -6.55 2.40
CA PHE B 63 7.07 -5.96 2.71
C PHE B 63 6.63 -4.95 1.68
N SER B 64 5.35 -4.96 1.38
CA SER B 64 4.75 -3.98 0.50
C SER B 64 3.28 -3.90 0.80
N GLY B 65 2.59 -2.92 0.25
CA GLY B 65 1.16 -2.85 0.45
C GLY B 65 0.54 -1.81 -0.45
N SER B 66 -0.78 -1.79 -0.47
CA SER B 66 -1.50 -0.86 -1.33
C SER B 66 -2.94 -0.60 -0.93
N ARG B 67 -3.52 0.44 -1.53
CA ARG B 67 -4.91 0.80 -1.32
C ARG B 67 -5.73 0.66 -2.59
N SER B 68 -6.94 0.15 -2.43
CA SER B 68 -7.95 0.11 -3.49
C SER B 68 -9.27 0.59 -2.89
N GLY B 69 -9.58 1.86 -3.03
CA GLY B 69 -10.76 2.36 -2.34
C GLY B 69 -10.53 2.21 -0.84
N THR B 70 -11.45 1.56 -0.16
CA THR B 70 -11.37 1.34 1.28
C THR B 70 -10.64 0.06 1.66
N ASP B 71 -10.22 -0.72 0.67
CA ASP B 71 -9.52 -1.98 0.94
C ASP B 71 -8.02 -1.83 0.89
N PHE B 72 -7.39 -2.15 1.99
CA PHE B 72 -5.96 -2.03 2.13
C PHE B 72 -5.32 -3.38 2.29
N THR B 73 -4.17 -3.59 1.69
CA THR B 73 -3.49 -4.86 1.91
C THR B 73 -2.04 -4.72 2.28
N LEU B 74 -1.58 -5.73 3.00
CA LEU B 74 -0.20 -5.94 3.38
C LEU B 74 0.28 -7.23 2.76
N THR B 75 1.36 -7.17 2.04
CA THR B 75 1.89 -8.37 1.42
C THR B 75 3.31 -8.63 1.84
N ILE B 76 3.58 -9.87 2.17
CA ILE B 76 4.94 -10.25 2.46
C ILE B 76 5.30 -11.15 1.28
N SER B 77 6.24 -10.70 0.45
CA SER B 77 6.49 -11.44 -0.77
C SER B 77 7.05 -12.83 -0.54
N SER B 78 7.82 -12.96 0.53
CA SER B 78 8.43 -14.22 0.91
C SER B 78 8.73 -14.20 2.41
N LEU B 79 8.01 -14.98 3.20
CA LEU B 79 8.25 -14.95 4.63
C LEU B 79 9.59 -15.41 5.06
N GLN B 80 10.19 -14.66 5.95
CA GLN B 80 11.45 -15.05 6.52
C GLN B 80 11.13 -15.58 7.89
N PRO B 81 12.01 -16.33 8.54
CA PRO B 81 11.82 -16.82 9.90
C PRO B 81 11.53 -15.70 10.90
N GLU B 82 11.93 -14.48 10.59
CA GLU B 82 11.75 -13.33 11.45
C GLU B 82 10.41 -12.63 11.33
N ASP B 83 9.57 -13.04 10.39
CA ASP B 83 8.31 -12.37 10.12
C ASP B 83 7.09 -12.98 10.77
N PHE B 84 7.28 -13.92 11.66
CA PHE B 84 6.11 -14.50 12.28
C PHE B 84 5.79 -13.63 13.47
N ALA B 85 4.86 -12.74 13.22
CA ALA B 85 4.45 -11.66 14.09
C ALA B 85 2.99 -11.32 13.90
N THR B 86 2.46 -10.51 14.81
CA THR B 86 1.10 -10.05 14.67
C THR B 86 1.11 -8.74 13.92
N TYR B 87 0.36 -8.65 12.86
CA TYR B 87 0.35 -7.44 12.08
C TYR B 87 -0.89 -6.64 12.34
N TYR B 88 -0.73 -5.35 12.51
CA TYR B 88 -1.90 -4.53 12.75
C TYR B 88 -2.10 -3.52 11.66
N CYS B 89 -3.38 -3.28 11.32
CA CYS B 89 -3.85 -2.29 10.38
C CYS B 89 -4.27 -1.05 11.14
N GLN B 90 -3.71 0.09 10.81
CA GLN B 90 -4.14 1.25 11.57
C GLN B 90 -4.50 2.46 10.75
N GLN B 91 -5.62 3.04 11.13
CA GLN B 91 -6.17 4.25 10.52
C GLN B 91 -5.73 5.52 11.26
N TYR B 92 -5.16 6.44 10.49
CA TYR B 92 -4.65 7.72 11.00
C TYR B 92 -5.21 9.01 10.44
N LEU B 93 -6.49 9.15 10.21
CA LEU B 93 -6.93 10.41 9.65
C LEU B 93 -6.72 11.60 10.56
N TYR B 94 -6.85 11.40 11.85
CA TYR B 94 -6.71 12.50 12.78
C TYR B 94 -6.26 12.01 14.12
N TYR B 95 -5.59 12.86 14.87
CA TYR B 95 -5.06 12.50 16.17
C TYR B 95 -6.07 11.85 17.11
N SER B 96 -7.30 12.32 17.12
CA SER B 96 -8.34 11.80 18.01
C SER B 96 -9.17 10.66 17.44
N LEU B 97 -8.95 10.31 16.18
CA LEU B 97 -9.74 9.31 15.48
C LEU B 97 -8.96 8.06 15.23
N VAL B 98 -7.89 7.85 15.94
CA VAL B 98 -7.06 6.73 15.64
C VAL B 98 -7.66 5.43 16.07
N THR B 99 -7.73 4.51 15.13
CA THR B 99 -8.28 3.20 15.40
C THR B 99 -7.39 2.14 14.83
N PHE B 100 -7.45 0.96 15.39
CA PHE B 100 -6.67 -0.15 14.92
C PHE B 100 -7.58 -1.26 14.53
N GLY B 101 -7.13 -2.10 13.62
CA GLY B 101 -7.86 -3.28 13.28
C GLY B 101 -7.55 -4.23 14.40
N GLN B 102 -8.14 -5.40 14.40
CA GLN B 102 -7.92 -6.30 15.50
C GLN B 102 -6.60 -7.03 15.46
N GLY B 103 -5.91 -6.99 14.34
CA GLY B 103 -4.64 -7.67 14.18
C GLY B 103 -4.78 -9.04 13.58
N THR B 104 -3.80 -9.43 12.79
CA THR B 104 -3.77 -10.74 12.19
C THR B 104 -2.49 -11.39 12.53
N LYS B 105 -2.54 -12.61 12.97
CA LYS B 105 -1.31 -13.28 13.34
C LYS B 105 -0.83 -14.22 12.27
N VAL B 106 0.45 -14.13 11.92
CA VAL B 106 0.98 -15.07 10.96
C VAL B 106 1.68 -16.15 11.73
N GLU B 107 1.23 -17.36 11.51
CA GLU B 107 1.68 -18.55 12.18
C GLU B 107 2.54 -19.35 11.24
N ILE B 108 3.34 -20.23 11.77
CA ILE B 108 4.17 -21.07 10.93
C ILE B 108 3.35 -22.27 10.49
N LYS B 109 3.26 -22.51 9.20
CA LYS B 109 2.48 -23.63 8.69
C LYS B 109 3.12 -24.95 9.02
N ARG B 110 2.29 -25.90 9.28
CA ARG B 110 2.66 -27.23 9.64
C ARG B 110 1.57 -28.16 9.17
N THR B 111 1.89 -29.43 9.16
CA THR B 111 1.01 -30.52 8.85
C THR B 111 0.03 -30.69 9.99
N VAL B 112 -0.97 -31.54 9.84
CA VAL B 112 -1.99 -31.72 10.85
C VAL B 112 -1.83 -32.91 11.74
N ALA B 113 -1.96 -32.68 13.04
CA ALA B 113 -1.97 -33.77 13.99
C ALA B 113 -2.83 -33.40 15.18
N ALA B 114 -3.63 -34.36 15.61
CA ALA B 114 -4.49 -34.24 16.77
C ALA B 114 -3.63 -34.34 18.01
N PRO B 115 -4.00 -33.71 19.13
CA PRO B 115 -3.26 -33.73 20.35
C PRO B 115 -3.43 -34.98 21.11
N SER B 116 -2.48 -35.24 21.97
CA SER B 116 -2.64 -36.30 22.94
C SER B 116 -3.46 -35.72 24.08
N VAL B 117 -4.41 -36.46 24.63
CA VAL B 117 -5.24 -35.91 25.70
C VAL B 117 -5.11 -36.66 27.02
N PHE B 118 -4.87 -35.89 28.09
CA PHE B 118 -4.70 -36.41 29.44
C PHE B 118 -5.62 -35.74 30.47
N ILE B 119 -6.03 -36.50 31.49
CA ILE B 119 -6.84 -35.92 32.56
C ILE B 119 -6.09 -35.98 33.89
N PHE B 120 -6.08 -34.87 34.59
CA PHE B 120 -5.45 -34.74 35.88
C PHE B 120 -6.46 -34.47 37.00
N PRO B 121 -6.89 -35.48 37.76
CA PRO B 121 -7.86 -35.39 38.81
C PRO B 121 -7.38 -34.48 39.93
N PRO B 122 -8.27 -33.89 40.76
CA PRO B 122 -7.97 -33.14 41.95
C PRO B 122 -7.39 -34.11 42.95
N SER B 123 -6.54 -33.66 43.85
CA SER B 123 -6.03 -34.55 44.89
C SER B 123 -6.21 -33.85 46.23
N ASP B 124 -5.94 -34.59 47.29
CA ASP B 124 -6.15 -34.15 48.65
C ASP B 124 -5.51 -32.82 49.00
N SER B 125 -4.37 -32.51 48.42
CA SER B 125 -3.71 -31.27 48.79
C SER B 125 -4.51 -30.01 48.45
N GLN B 126 -5.45 -30.08 47.50
CA GLN B 126 -6.28 -28.91 47.24
C GLN B 126 -7.70 -29.17 47.70
N LEU B 127 -8.11 -30.43 47.74
CA LEU B 127 -9.47 -30.75 48.14
C LEU B 127 -9.69 -30.36 49.59
N LYS B 128 -8.64 -30.46 50.40
CA LYS B 128 -8.69 -30.11 51.81
C LYS B 128 -8.92 -28.61 52.02
N SER B 129 -8.71 -27.80 50.98
CA SER B 129 -8.87 -26.36 51.07
C SER B 129 -10.30 -25.92 50.81
N GLY B 130 -11.17 -26.86 50.42
CA GLY B 130 -12.57 -26.52 50.16
C GLY B 130 -12.87 -26.25 48.70
N THR B 131 -11.91 -26.51 47.82
CA THR B 131 -12.03 -26.31 46.38
C THR B 131 -11.65 -27.57 45.64
N ALA B 132 -11.87 -27.57 44.34
CA ALA B 132 -11.43 -28.67 43.50
C ALA B 132 -11.16 -28.15 42.09
N SER B 133 -10.28 -28.81 41.39
CA SER B 133 -10.08 -28.45 40.01
C SER B 133 -9.72 -29.67 39.23
N VAL B 134 -10.20 -29.75 38.00
CA VAL B 134 -9.86 -30.91 37.18
C VAL B 134 -9.14 -30.36 35.97
N VAL B 135 -7.95 -30.86 35.67
CA VAL B 135 -7.25 -30.28 34.52
C VAL B 135 -7.15 -31.24 33.33
N CYS B 136 -7.60 -30.79 32.14
CA CYS B 136 -7.56 -31.52 30.87
C CYS B 136 -6.46 -30.94 30.00
N LEU B 137 -5.56 -31.80 29.58
CA LEU B 137 -4.43 -31.38 28.78
C LEU B 137 -4.41 -31.93 27.38
N LEU B 138 -4.21 -31.04 26.43
CA LEU B 138 -4.08 -31.35 25.02
C LEU B 138 -2.67 -31.04 24.53
N ASN B 139 -1.85 -32.05 24.24
CA ASN B 139 -0.48 -31.77 23.83
C ASN B 139 -0.18 -31.88 22.37
N ASN B 140 0.67 -30.97 21.90
CA ASN B 140 1.24 -31.02 20.57
C ASN B 140 0.21 -31.05 19.42
N PHE B 141 -0.71 -30.10 19.41
CA PHE B 141 -1.74 -29.99 18.39
C PHE B 141 -1.17 -29.13 17.26
N TYR B 142 -1.27 -29.58 16.02
CA TYR B 142 -0.59 -28.78 15.00
C TYR B 142 -1.37 -27.54 14.50
N PRO B 143 -2.67 -27.62 14.14
CA PRO B 143 -3.51 -26.50 13.79
C PRO B 143 -3.77 -25.74 15.06
N ARG B 144 -4.29 -24.53 14.99
CA ARG B 144 -4.59 -23.82 16.24
C ARG B 144 -5.96 -24.08 16.87
N GLU B 145 -6.98 -24.25 16.05
CA GLU B 145 -8.36 -24.34 16.50
C GLU B 145 -8.68 -25.60 17.29
N ALA B 146 -9.41 -25.44 18.37
CA ALA B 146 -9.77 -26.56 19.20
C ALA B 146 -11.02 -26.29 19.97
N LYS B 147 -11.76 -27.33 20.31
CA LYS B 147 -12.86 -27.14 21.21
C LYS B 147 -12.88 -28.18 22.28
N VAL B 148 -12.93 -27.72 23.52
CA VAL B 148 -12.94 -28.65 24.62
C VAL B 148 -14.18 -28.48 25.46
N GLN B 149 -14.92 -29.54 25.62
CA GLN B 149 -16.14 -29.48 26.41
C GLN B 149 -16.01 -30.23 27.70
N TRP B 150 -16.45 -29.61 28.76
CA TRP B 150 -16.46 -30.31 30.02
C TRP B 150 -17.83 -30.82 30.30
N LYS B 151 -17.90 -32.10 30.65
CA LYS B 151 -19.17 -32.68 30.95
C LYS B 151 -19.11 -33.41 32.28
N VAL B 152 -20.16 -33.27 33.07
CA VAL B 152 -20.20 -33.99 34.34
C VAL B 152 -21.48 -34.81 34.40
N ASP B 153 -21.31 -36.13 34.51
CA ASP B 153 -22.42 -37.07 34.45
C ASP B 153 -23.24 -36.80 33.19
N ASN B 154 -22.51 -36.53 32.11
CA ASN B 154 -23.00 -36.22 30.77
C ASN B 154 -23.76 -34.90 30.64
N ALA B 155 -23.74 -34.05 31.66
CA ALA B 155 -24.33 -32.73 31.53
C ALA B 155 -23.29 -31.80 30.97
N LEU B 156 -23.68 -30.93 30.07
CA LEU B 156 -22.67 -30.03 29.55
C LEU B 156 -22.58 -28.79 30.40
N GLN B 157 -21.40 -28.54 30.89
CA GLN B 157 -21.18 -27.41 31.76
C GLN B 157 -20.73 -26.21 30.98
N SER B 158 -20.99 -25.04 31.52
CA SER B 158 -20.55 -23.81 30.90
C SER B 158 -20.38 -22.72 31.92
N GLY B 159 -19.36 -21.91 31.74
CA GLY B 159 -19.09 -20.75 32.60
C GLY B 159 -18.25 -21.06 33.84
N ASN B 160 -17.87 -22.32 33.99
CA ASN B 160 -17.09 -22.75 35.13
C ASN B 160 -15.75 -23.34 34.75
N SER B 161 -15.16 -22.86 33.66
CA SER B 161 -13.86 -23.39 33.26
C SER B 161 -13.00 -22.31 32.61
N GLN B 162 -11.70 -22.54 32.68
CA GLN B 162 -10.69 -21.65 32.10
C GLN B 162 -9.83 -22.37 31.09
N GLU B 163 -9.28 -21.62 30.13
CA GLU B 163 -8.43 -22.19 29.09
C GLU B 163 -7.18 -21.38 28.83
N SER B 164 -6.06 -22.07 28.60
CA SER B 164 -4.80 -21.42 28.29
C SER B 164 -4.06 -22.16 27.19
N VAL B 165 -3.52 -21.41 26.24
CA VAL B 165 -2.82 -21.98 25.10
C VAL B 165 -1.43 -21.40 24.95
N THR B 166 -0.46 -22.26 24.71
CA THR B 166 0.92 -21.83 24.55
C THR B 166 1.15 -21.29 23.17
N GLU B 167 2.26 -20.64 22.97
CA GLU B 167 2.67 -20.14 21.67
C GLU B 167 3.24 -21.28 20.86
N GLN B 168 3.33 -21.12 19.55
CA GLN B 168 3.93 -22.20 18.80
C GLN B 168 5.30 -22.50 19.30
N ASP B 169 5.54 -23.77 19.54
CA ASP B 169 6.79 -24.26 20.01
C ASP B 169 7.90 -23.90 19.05
N SER B 170 9.02 -23.44 19.57
CA SER B 170 10.14 -23.03 18.73
C SER B 170 10.82 -24.15 17.95
N LYS B 171 10.63 -25.42 18.32
CA LYS B 171 11.24 -26.49 17.57
C LYS B 171 10.22 -27.25 16.73
N ASP B 172 9.03 -27.46 17.29
CA ASP B 172 7.96 -28.19 16.60
C ASP B 172 6.93 -27.34 15.86
N SER B 173 6.75 -26.06 16.21
CA SER B 173 5.70 -25.22 15.68
C SER B 173 4.29 -25.75 15.96
N THR B 174 4.09 -26.29 17.17
CA THR B 174 2.81 -26.83 17.59
C THR B 174 2.33 -26.14 18.84
N TYR B 175 1.08 -26.37 19.20
CA TYR B 175 0.50 -25.74 20.35
C TYR B 175 0.09 -26.72 21.42
N SER B 176 0.14 -26.30 22.66
CA SER B 176 -0.44 -27.12 23.69
C SER B 176 -1.53 -26.31 24.37
N LEU B 177 -2.61 -26.98 24.73
CA LEU B 177 -3.75 -26.33 25.35
C LEU B 177 -4.15 -27.02 26.62
N SER B 178 -4.52 -26.26 27.61
CA SER B 178 -5.03 -26.92 28.78
C SER B 178 -6.22 -26.19 29.29
N SER B 179 -7.09 -26.91 29.96
CA SER B 179 -8.22 -26.25 30.54
C SER B 179 -8.51 -26.78 31.90
N THR B 180 -9.05 -25.91 32.74
CA THR B 180 -9.35 -26.28 34.09
C THR B 180 -10.80 -26.09 34.43
N LEU B 181 -11.39 -27.12 34.98
CA LEU B 181 -12.76 -27.06 35.43
C LEU B 181 -12.71 -26.63 36.87
N THR B 182 -13.45 -25.58 37.23
CA THR B 182 -13.40 -25.09 38.60
C THR B 182 -14.66 -25.50 39.33
N LEU B 183 -14.47 -26.15 40.47
CA LEU B 183 -15.54 -26.65 41.31
C LEU B 183 -15.32 -26.25 42.76
N SER B 184 -16.38 -26.02 43.53
CA SER B 184 -16.15 -25.85 44.95
C SER B 184 -16.05 -27.27 45.49
N LYS B 185 -15.56 -27.48 46.71
CA LYS B 185 -15.58 -28.86 47.22
C LYS B 185 -16.99 -29.41 47.18
N ALA B 186 -17.95 -28.57 47.49
CA ALA B 186 -19.34 -29.00 47.51
C ALA B 186 -19.79 -29.53 46.15
N ASP B 187 -19.19 -29.04 45.05
CA ASP B 187 -19.61 -29.50 43.75
C ASP B 187 -18.84 -30.77 43.43
N TYR B 188 -17.57 -30.83 43.86
CA TYR B 188 -16.75 -32.01 43.59
C TYR B 188 -17.25 -33.24 44.32
N GLU B 189 -17.80 -33.04 45.50
CA GLU B 189 -18.31 -34.13 46.33
C GLU B 189 -19.52 -34.82 45.69
N LYS B 190 -20.10 -34.24 44.65
CA LYS B 190 -21.23 -34.80 43.95
C LYS B 190 -20.76 -35.33 42.60
N HIS B 191 -21.55 -36.20 41.99
CA HIS B 191 -21.31 -36.74 40.64
C HIS B 191 -20.22 -37.81 40.63
N LYS B 192 -20.18 -38.61 39.56
CA LYS B 192 -19.17 -39.64 39.49
C LYS B 192 -18.20 -39.42 38.36
N VAL B 193 -18.70 -38.93 37.21
CA VAL B 193 -17.76 -38.82 36.10
C VAL B 193 -17.58 -37.43 35.56
N TYR B 194 -16.34 -37.02 35.58
CA TYR B 194 -15.90 -35.75 35.07
C TYR B 194 -15.14 -36.05 33.80
N ALA B 195 -15.65 -35.62 32.67
CA ALA B 195 -15.03 -35.97 31.42
C ALA B 195 -14.68 -34.77 30.57
N CYS B 196 -13.60 -34.91 29.76
CA CYS B 196 -13.14 -33.91 28.83
C CYS B 196 -13.33 -34.45 27.42
N GLU B 197 -14.18 -33.76 26.67
CA GLU B 197 -14.45 -34.16 25.29
C GLU B 197 -13.76 -33.20 24.37
N VAL B 198 -12.83 -33.73 23.60
CA VAL B 198 -12.00 -32.90 22.77
C VAL B 198 -12.21 -33.09 21.29
N THR B 199 -12.53 -32.00 20.60
CA THR B 199 -12.78 -32.05 19.18
C THR B 199 -11.80 -31.16 18.43
N HIS B 200 -11.25 -31.71 17.35
CA HIS B 200 -10.27 -31.02 16.51
C HIS B 200 -10.48 -31.28 15.07
N GLN B 201 -10.04 -30.38 14.25
CA GLN B 201 -10.19 -30.59 12.82
C GLN B 201 -9.47 -31.81 12.34
N GLY B 202 -8.37 -32.18 12.99
CA GLY B 202 -7.57 -33.35 12.64
C GLY B 202 -8.14 -34.67 13.15
N LEU B 203 -9.24 -34.63 13.89
CA LEU B 203 -9.86 -35.85 14.39
C LEU B 203 -11.11 -36.18 13.60
N SER B 204 -11.38 -37.46 13.37
CA SER B 204 -12.63 -37.80 12.71
C SER B 204 -13.78 -37.78 13.69
N SER B 205 -13.49 -37.94 14.96
CA SER B 205 -14.54 -37.93 15.94
C SER B 205 -13.93 -37.41 17.23
N PRO B 206 -14.71 -36.81 18.14
CA PRO B 206 -14.26 -36.33 19.41
C PRO B 206 -13.60 -37.42 20.22
N VAL B 207 -12.56 -37.07 20.93
CA VAL B 207 -11.85 -38.03 21.73
C VAL B 207 -12.12 -37.71 23.16
N THR B 208 -12.47 -38.72 23.92
CA THR B 208 -12.76 -38.44 25.30
C THR B 208 -11.86 -39.18 26.21
N LYS B 209 -11.57 -38.55 27.30
CA LYS B 209 -10.84 -39.15 28.38
C LYS B 209 -11.63 -38.78 29.60
N SER B 210 -11.67 -39.63 30.61
CA SER B 210 -12.45 -39.27 31.75
C SER B 210 -11.96 -39.76 33.08
N PHE B 211 -12.42 -39.06 34.09
CA PHE B 211 -12.15 -39.34 35.47
C PHE B 211 -13.35 -39.80 36.27
N ASN B 212 -13.30 -41.04 36.69
CA ASN B 212 -14.37 -41.62 37.47
C ASN B 212 -13.91 -41.49 38.93
N ARG B 213 -14.53 -40.54 39.69
CA ARG B 213 -14.18 -40.10 41.06
C ARG B 213 -13.25 -41.08 41.83
N ASP C 16 -4.10 21.46 -64.52
CA ASP C 16 -4.05 20.05 -64.15
C ASP C 16 -2.64 19.66 -63.74
N HIS C 17 -1.68 19.91 -64.65
CA HIS C 17 -0.29 19.59 -64.38
C HIS C 17 0.45 20.67 -63.58
N LEU C 18 -0.17 21.83 -63.36
CA LEU C 18 0.48 22.90 -62.61
C LEU C 18 0.18 22.85 -61.12
N PHE C 19 -0.65 21.90 -60.68
CA PHE C 19 -0.94 21.78 -59.25
C PHE C 19 0.31 21.53 -58.41
N PRO C 20 1.13 20.52 -58.71
CA PRO C 20 2.33 20.26 -57.89
C PRO C 20 3.23 21.48 -57.78
N PRO C 21 3.67 22.08 -58.90
CA PRO C 21 4.50 23.30 -58.78
C PRO C 21 3.90 24.39 -57.89
N SER C 22 2.59 24.65 -57.99
CA SER C 22 2.00 25.71 -57.17
C SER C 22 2.00 25.32 -55.71
N LEU C 23 1.70 24.05 -55.41
CA LEU C 23 1.68 23.62 -54.03
C LEU C 23 3.08 23.68 -53.44
N TYR C 24 4.07 23.25 -54.21
CA TYR C 24 5.45 23.24 -53.74
C TYR C 24 5.95 24.65 -53.53
N ILE C 25 5.60 25.60 -54.41
CA ILE C 25 6.02 26.98 -54.20
C ILE C 25 5.43 27.53 -52.93
N PHE C 26 4.13 27.27 -52.71
CA PHE C 26 3.49 27.67 -51.46
C PHE C 26 4.22 27.07 -50.26
N VAL C 27 4.49 25.76 -50.32
CA VAL C 27 5.15 25.07 -49.22
C VAL C 27 6.53 25.65 -48.95
N ILE C 28 7.29 25.97 -49.98
CA ILE C 28 8.62 26.54 -49.76
C ILE C 28 8.50 27.90 -49.08
N GLY C 29 7.64 28.75 -49.64
CA GLY C 29 7.50 30.10 -49.11
C GLY C 29 7.02 30.15 -47.67
N VAL C 30 6.15 29.22 -47.28
CA VAL C 30 5.64 29.20 -45.91
C VAL C 30 6.57 28.42 -44.99
N GLY C 31 6.98 27.21 -45.39
CA GLY C 31 7.76 26.36 -44.52
C GLY C 31 9.13 26.91 -44.18
N LEU C 32 9.81 27.56 -45.12
CA LEU C 32 11.15 28.03 -44.74
C LEU C 32 11.10 29.04 -43.61
N PRO C 33 10.36 30.14 -43.70
CA PRO C 33 10.24 31.03 -42.54
C PRO C 33 9.73 30.32 -41.31
N THR C 34 8.75 29.42 -41.50
CA THR C 34 8.11 28.80 -40.35
C THR C 34 8.90 27.62 -39.83
N ASN C 35 9.70 26.95 -40.65
CA ASN C 35 10.54 25.90 -40.09
C ASN C 35 11.73 26.51 -39.37
N CYS C 36 12.19 27.70 -39.82
CA CYS C 36 13.26 28.36 -39.09
C CYS C 36 12.76 28.87 -37.75
N LEU C 37 11.57 29.47 -37.73
CA LEU C 37 11.00 29.92 -36.47
C LEU C 37 10.65 28.74 -35.56
N ALA C 38 10.19 27.63 -36.15
CA ALA C 38 9.89 26.45 -35.36
C ALA C 38 11.14 25.89 -34.71
N LEU C 39 12.26 25.87 -35.44
CA LEU C 39 13.51 25.41 -34.85
C LEU C 39 13.96 26.32 -33.72
N TRP C 40 13.82 27.64 -33.91
CA TRP C 40 14.15 28.58 -32.86
C TRP C 40 13.32 28.30 -31.60
N ALA C 41 11.99 28.23 -31.77
CA ALA C 41 11.10 28.03 -30.64
C ALA C 41 11.35 26.68 -29.96
N ALA C 42 11.58 25.63 -30.75
CA ALA C 42 11.81 24.32 -30.16
C ALA C 42 13.12 24.31 -29.39
N TYR C 43 14.15 25.00 -29.90
CA TYR C 43 15.41 25.06 -29.17
C TYR C 43 15.20 25.77 -27.84
N ARG C 44 14.46 26.88 -27.85
CA ARG C 44 14.19 27.58 -26.59
C ARG C 44 13.41 26.69 -25.64
N GLN C 45 12.48 25.91 -26.16
CA GLN C 45 11.74 24.97 -25.32
C GLN C 45 12.66 23.93 -24.70
N VAL C 46 13.65 23.49 -25.46
CA VAL C 46 14.66 22.55 -24.94
C VAL C 46 15.48 23.21 -23.84
N GLN C 47 15.83 24.48 -24.03
CA GLN C 47 16.59 25.19 -22.99
C GLN C 47 15.83 25.21 -21.68
N GLN C 48 14.50 25.19 -21.74
CA GLN C 48 13.64 25.17 -20.57
C GLN C 48 13.41 23.75 -20.06
N ARG C 49 14.10 22.76 -20.64
CA ARG C 49 13.97 21.36 -20.26
C ARG C 49 12.60 20.78 -20.59
N ASN C 50 12.04 21.21 -21.71
CA ASN C 50 10.81 20.63 -22.24
C ASN C 50 11.22 19.60 -23.28
N GLU C 51 11.02 18.32 -22.98
CA GLU C 51 11.52 17.29 -23.88
C GLU C 51 10.83 17.32 -25.25
N LEU C 52 9.65 17.95 -25.34
CA LEU C 52 8.99 17.96 -26.64
C LEU C 52 9.67 18.91 -27.59
N GLY C 53 10.50 19.81 -27.06
CA GLY C 53 11.22 20.71 -27.93
C GLY C 53 12.25 19.96 -28.72
N VAL C 54 12.64 18.78 -28.24
CA VAL C 54 13.59 17.99 -29.00
C VAL C 54 12.89 17.38 -30.21
N TYR C 55 11.69 16.81 -29.97
CA TYR C 55 11.00 16.16 -31.08
C TYR C 55 10.61 17.18 -32.13
N LEU C 56 10.16 18.36 -31.69
CA LEU C 56 9.80 19.39 -32.65
C LEU C 56 11.02 19.85 -33.42
N MET C 57 12.17 19.92 -32.75
CA MET C 57 13.37 20.31 -33.49
C MET C 57 13.69 19.26 -34.54
N ASN C 58 13.49 18.00 -34.20
CA ASN C 58 13.80 16.97 -35.18
C ASN C 58 12.81 17.03 -36.31
N LEU C 59 11.57 17.40 -35.99
CA LEU C 59 10.57 17.55 -37.03
C LEU C 59 10.92 18.72 -37.94
N SER C 60 11.31 19.85 -37.34
CA SER C 60 11.56 21.05 -38.14
C SER C 60 12.75 20.87 -39.05
N ILE C 61 13.79 20.17 -38.59
CA ILE C 61 14.94 20.01 -39.45
C ILE C 61 14.57 19.10 -40.61
N ALA C 62 13.76 18.08 -40.34
CA ALA C 62 13.37 17.20 -41.43
C ALA C 62 12.63 17.98 -42.50
N ASP C 63 11.86 18.99 -42.09
CA ASP C 63 11.09 19.74 -43.06
C ASP C 63 11.93 20.76 -43.79
N LEU C 64 13.06 21.16 -43.23
CA LEU C 64 14.00 21.93 -44.03
C LEU C 64 14.72 21.03 -45.04
N LEU C 65 15.03 19.79 -44.65
CA LEU C 65 15.77 18.92 -45.57
C LEU C 65 14.98 18.67 -46.84
N TYR C 66 13.67 18.46 -46.70
CA TYR C 66 12.82 18.31 -47.87
C TYR C 66 12.71 19.62 -48.64
N ILE C 67 12.48 20.72 -47.93
CA ILE C 67 12.22 21.99 -48.61
C ILE C 67 13.41 22.38 -49.49
N CYS C 68 14.64 22.18 -49.00
CA CYS C 68 15.78 22.57 -49.80
C CYS C 68 15.85 21.82 -51.13
N THR C 69 15.03 20.79 -51.33
CA THR C 69 14.97 20.08 -52.60
C THR C 69 13.81 20.55 -53.48
N LEU C 70 12.75 21.06 -52.88
CA LEU C 70 11.57 21.45 -53.66
C LEU C 70 11.85 22.50 -54.72
N PRO C 71 12.69 23.51 -54.50
CA PRO C 71 12.91 24.51 -55.55
C PRO C 71 13.33 23.93 -56.88
N LEU C 72 14.02 22.79 -56.89
CA LEU C 72 14.44 22.22 -58.17
C LEU C 72 13.31 21.45 -58.84
N TRP C 73 12.44 20.83 -58.05
CA TRP C 73 11.33 20.08 -58.65
C TRP C 73 10.39 21.03 -59.37
N VAL C 74 10.17 22.21 -58.79
CA VAL C 74 9.30 23.16 -59.44
C VAL C 74 9.92 23.57 -60.77
N ASP C 75 11.23 23.84 -60.76
CA ASP C 75 11.86 24.22 -62.01
C ASP C 75 11.78 23.08 -63.00
N TYR C 76 11.93 21.85 -62.51
CA TYR C 76 11.80 20.69 -63.39
C TYR C 76 10.45 20.73 -64.07
N PHE C 77 9.39 20.93 -63.29
CA PHE C 77 8.06 20.93 -63.86
C PHE C 77 7.83 22.13 -64.77
N LEU C 78 8.41 23.28 -64.45
CA LEU C 78 8.13 24.47 -65.27
C LEU C 78 9.07 24.71 -66.45
N HIS C 79 10.35 24.35 -66.34
CA HIS C 79 11.29 24.72 -67.39
C HIS C 79 11.96 23.57 -68.14
N HIS C 80 11.78 22.31 -67.74
CA HIS C 80 12.52 21.24 -68.38
C HIS C 80 11.61 20.08 -68.77
N ASP C 81 11.97 19.43 -69.87
CA ASP C 81 11.30 18.24 -70.38
C ASP C 81 11.78 16.95 -69.73
N ASN C 82 12.79 17.00 -68.87
CA ASN C 82 13.29 15.80 -68.22
C ASN C 82 14.12 16.19 -67.01
N TRP C 83 14.85 15.21 -66.46
CA TRP C 83 15.62 15.40 -65.23
C TRP C 83 17.08 15.68 -65.58
N ILE C 84 17.36 16.95 -65.88
CA ILE C 84 18.67 17.36 -66.36
C ILE C 84 19.76 17.10 -65.33
N HIS C 85 19.38 16.87 -64.07
CA HIS C 85 20.34 16.68 -62.98
C HIS C 85 20.98 15.30 -62.95
N GLY C 86 20.46 14.34 -63.72
CA GLY C 86 21.02 13.01 -63.74
C GLY C 86 20.47 12.08 -62.68
N PRO C 87 20.68 10.77 -62.90
CA PRO C 87 20.10 9.76 -61.99
C PRO C 87 20.40 9.95 -60.51
N GLY C 88 21.57 10.48 -60.13
CA GLY C 88 21.84 10.59 -58.70
C GLY C 88 21.05 11.67 -58.00
N SER C 89 20.56 12.66 -58.74
CA SER C 89 19.84 13.76 -58.10
C SER C 89 18.41 13.35 -57.77
N CYS C 90 17.87 12.36 -58.48
CA CYS C 90 16.60 11.65 -58.50
C CYS C 90 16.58 10.63 -57.38
N LYS C 91 17.62 9.80 -57.30
CA LYS C 91 17.76 8.89 -56.18
C LYS C 91 17.91 9.65 -54.87
N LEU C 92 18.62 10.78 -54.90
CA LEU C 92 18.77 11.59 -53.69
C LEU C 92 17.46 12.26 -53.30
N PHE C 93 16.74 12.83 -54.27
CA PHE C 93 15.51 13.51 -53.91
C PHE C 93 14.44 12.50 -53.47
N GLY C 94 14.43 11.32 -54.07
CA GLY C 94 13.52 10.27 -53.62
C GLY C 94 13.82 9.87 -52.19
N PHE C 95 15.09 9.65 -51.89
CA PHE C 95 15.50 9.30 -50.54
C PHE C 95 15.03 10.37 -49.55
N ILE C 96 15.29 11.64 -49.88
CA ILE C 96 14.90 12.73 -48.98
C ILE C 96 13.39 12.78 -48.80
N PHE C 97 12.62 12.62 -49.88
CA PHE C 97 11.16 12.61 -49.79
C PHE C 97 10.66 11.52 -48.84
N TYR C 98 11.14 10.30 -49.03
CA TYR C 98 10.67 9.20 -48.19
C TYR C 98 11.11 9.40 -46.74
N THR C 99 12.33 9.89 -46.53
CA THR C 99 12.78 10.08 -45.16
C THR C 99 11.99 11.19 -44.48
N ASN C 100 11.63 12.24 -45.23
CA ASN C 100 10.79 13.27 -44.62
C ASN C 100 9.46 12.72 -44.17
N ILE C 101 8.83 11.89 -45.02
CA ILE C 101 7.51 11.37 -44.65
C ILE C 101 7.60 10.48 -43.42
N TYR C 102 8.58 9.57 -43.40
CA TYR C 102 8.59 8.62 -42.30
C TYR C 102 9.20 9.21 -41.04
N ILE C 103 10.09 10.20 -41.16
CA ILE C 103 10.58 10.93 -40.00
C ILE C 103 9.45 11.72 -39.36
N SER C 104 8.65 12.40 -40.18
CA SER C 104 7.53 13.16 -39.63
C SER C 104 6.53 12.24 -38.94
N ILE C 105 6.24 11.09 -39.55
CA ILE C 105 5.29 10.18 -38.92
C ILE C 105 5.85 9.65 -37.59
N ALA C 106 7.12 9.23 -37.60
CA ALA C 106 7.72 8.67 -36.39
C ALA C 106 7.78 9.70 -35.26
N PHE C 107 8.08 10.96 -35.58
CA PHE C 107 8.17 11.95 -34.50
C PHE C 107 6.79 12.39 -34.03
N LEU C 108 5.79 12.44 -34.92
CA LEU C 108 4.46 12.77 -34.44
C LEU C 108 3.96 11.66 -33.51
N CYS C 109 4.29 10.42 -33.84
CA CYS C 109 3.94 9.30 -32.97
C CYS C 109 4.66 9.41 -31.63
N CYS C 110 5.96 9.74 -31.67
CA CYS C 110 6.70 9.87 -30.42
C CYS C 110 6.07 10.95 -29.53
N ILE C 111 5.62 12.05 -30.15
CA ILE C 111 4.96 13.10 -29.37
C ILE C 111 3.68 12.57 -28.75
N SER C 112 2.88 11.86 -29.54
CA SER C 112 1.63 11.33 -28.99
C SER C 112 1.87 10.33 -27.86
N VAL C 113 2.97 9.57 -27.94
CA VAL C 113 3.26 8.58 -26.91
C VAL C 113 3.89 9.21 -25.67
N ASP C 114 4.55 10.35 -25.78
CA ASP C 114 5.05 10.95 -24.55
C ASP C 114 4.03 11.86 -23.91
N ARG C 115 3.06 12.39 -24.67
CA ARG C 115 1.93 13.04 -24.03
C ARG C 115 1.05 12.00 -23.33
N TYR C 116 0.87 10.84 -23.97
CA TYR C 116 0.15 9.76 -23.31
C TYR C 116 0.82 9.39 -22.00
N LEU C 117 2.14 9.15 -22.02
CA LEU C 117 2.80 8.76 -20.78
C LEU C 117 2.74 9.88 -19.75
N ALA C 118 2.90 11.14 -20.18
CA ALA C 118 2.87 12.26 -19.25
C ALA C 118 1.53 12.37 -18.52
N VAL C 119 0.42 12.07 -19.20
CA VAL C 119 -0.88 12.21 -18.53
C VAL C 119 -1.32 10.92 -17.86
N ALA C 120 -1.04 9.76 -18.46
CA ALA C 120 -1.50 8.49 -17.92
C ALA C 120 -0.61 7.95 -16.81
N HIS C 121 0.70 8.21 -16.87
CA HIS C 121 1.66 7.64 -15.92
C HIS C 121 2.62 8.72 -15.46
N PRO C 122 2.09 9.78 -14.85
CA PRO C 122 2.93 10.96 -14.55
C PRO C 122 4.09 10.68 -13.61
N LEU C 123 4.02 9.64 -12.78
CA LEU C 123 5.09 9.35 -11.83
C LEU C 123 5.80 8.02 -12.08
N ARG C 124 5.57 7.36 -13.22
CA ARG C 124 6.12 6.03 -13.43
C ARG C 124 7.28 5.98 -14.41
N PHE C 125 7.25 6.77 -15.47
CA PHE C 125 8.30 6.78 -16.48
C PHE C 125 8.98 8.13 -16.55
N ALA C 126 9.23 8.73 -15.38
CA ALA C 126 9.77 10.08 -15.33
C ALA C 126 11.10 10.19 -16.05
N ARG C 127 11.91 9.12 -16.03
CA ARG C 127 13.20 9.17 -16.70
C ARG C 127 13.08 9.36 -18.20
N LEU C 128 11.90 9.12 -18.78
CA LEU C 128 11.72 9.27 -20.21
C LEU C 128 11.38 10.70 -20.60
N ARG C 129 10.85 11.49 -19.66
CA ARG C 129 10.48 12.86 -19.94
C ARG C 129 11.65 13.77 -19.59
N ARG C 130 12.73 13.56 -20.35
CA ARG C 130 14.00 14.25 -20.20
C ARG C 130 14.56 14.53 -21.58
N VAL C 131 15.30 15.64 -21.69
CA VAL C 131 15.92 15.99 -22.96
C VAL C 131 16.89 14.92 -23.41
N LYS C 132 17.74 14.40 -22.51
CA LYS C 132 18.73 13.42 -22.93
C LYS C 132 18.06 12.14 -23.44
N THR C 133 16.96 11.73 -22.81
CA THR C 133 16.25 10.56 -23.30
C THR C 133 15.64 10.84 -24.67
N ALA C 134 15.05 12.03 -24.84
CA ALA C 134 14.47 12.39 -26.12
C ALA C 134 15.52 12.42 -27.22
N VAL C 135 16.74 12.90 -26.91
CA VAL C 135 17.79 12.88 -27.93
C VAL C 135 18.18 11.45 -28.28
N ALA C 136 18.32 10.58 -27.29
CA ALA C 136 18.63 9.19 -27.61
C ALA C 136 17.54 8.58 -28.49
N VAL C 137 16.28 8.91 -28.19
CA VAL C 137 15.16 8.41 -28.99
C VAL C 137 15.23 8.95 -30.41
N SER C 138 15.51 10.25 -30.55
CA SER C 138 15.60 10.85 -31.88
C SER C 138 16.75 10.24 -32.66
N SER C 139 17.88 9.97 -32.00
CA SER C 139 19.00 9.33 -32.68
C SER C 139 18.61 7.97 -33.20
N VAL C 140 17.91 7.17 -32.39
CA VAL C 140 17.47 5.87 -32.85
C VAL C 140 16.49 6.00 -34.01
N VAL C 141 15.55 6.95 -33.91
CA VAL C 141 14.56 7.15 -34.96
C VAL C 141 15.24 7.54 -36.27
N TRP C 142 16.20 8.46 -36.19
CA TRP C 142 16.91 8.91 -37.39
C TRP C 142 17.70 7.78 -38.01
N ALA C 143 18.44 7.02 -37.20
CA ALA C 143 19.23 5.94 -37.77
C ALA C 143 18.33 4.88 -38.40
N THR C 144 17.21 4.58 -37.75
CA THR C 144 16.30 3.56 -38.25
C THR C 144 15.66 3.98 -39.57
N GLU C 145 15.06 5.18 -39.60
CA GLU C 145 14.52 5.72 -40.84
C GLU C 145 15.57 5.76 -41.95
N LEU C 146 16.76 6.29 -41.66
CA LEU C 146 17.76 6.42 -42.71
C LEU C 146 18.16 5.05 -43.24
N GLY C 147 18.31 4.06 -42.35
CA GLY C 147 18.65 2.72 -42.82
C GLY C 147 17.56 2.10 -43.67
N ALA C 148 16.31 2.22 -43.22
CA ALA C 148 15.19 1.62 -43.95
C ALA C 148 15.10 2.18 -45.37
N ASN C 149 15.38 3.46 -45.55
CA ASN C 149 15.29 4.11 -46.85
C ASN C 149 16.62 4.22 -47.58
N SER C 150 17.68 3.62 -47.03
CA SER C 150 19.00 3.73 -47.64
C SER C 150 19.31 2.58 -48.59
N ALA C 151 18.45 1.56 -48.68
CA ALA C 151 18.75 0.39 -49.50
C ALA C 151 19.22 0.76 -50.90
N PRO C 152 18.57 1.68 -51.62
CA PRO C 152 19.03 2.00 -52.97
C PRO C 152 20.45 2.52 -53.01
N LEU C 153 20.96 3.04 -51.88
CA LEU C 153 22.30 3.61 -51.85
C LEU C 153 23.38 2.54 -51.79
N PHE C 154 23.00 1.27 -51.67
CA PHE C 154 23.95 0.17 -51.62
C PHE C 154 23.82 -0.77 -52.82
N HIS C 155 22.82 -0.53 -53.67
CA HIS C 155 22.61 -1.29 -54.89
C HIS C 155 21.78 -0.39 -55.79
N ASP C 156 22.30 -0.06 -56.96
CA ASP C 156 21.60 0.85 -57.86
C ASP C 156 20.56 0.15 -58.74
N GLU C 157 20.55 -1.18 -58.80
CA GLU C 157 19.44 -1.83 -59.49
C GLU C 157 18.12 -1.47 -58.84
N LEU C 158 18.11 -1.28 -57.52
CA LEU C 158 16.87 -0.97 -56.82
C LEU C 158 16.27 0.33 -57.34
N PHE C 159 17.09 1.35 -57.54
CA PHE C 159 16.60 2.63 -58.02
C PHE C 159 16.21 2.56 -59.49
N ARG C 160 16.71 1.56 -60.23
CA ARG C 160 16.38 1.40 -61.63
C ARG C 160 15.34 0.31 -61.85
N ASP C 161 14.89 -0.34 -60.77
CA ASP C 161 13.76 -1.24 -60.84
C ASP C 161 12.47 -0.56 -60.38
N ARG C 162 12.60 0.58 -59.71
CA ARG C 162 11.51 1.32 -59.10
C ARG C 162 11.30 2.67 -59.76
N TYR C 163 12.39 3.37 -60.06
CA TYR C 163 12.37 4.69 -60.67
C TYR C 163 12.91 4.62 -62.08
N ASN C 164 12.47 5.57 -62.90
CA ASN C 164 13.00 5.80 -64.22
C ASN C 164 14.30 6.59 -64.12
N HIS C 165 14.91 6.92 -65.26
CA HIS C 165 16.15 7.68 -65.24
C HIS C 165 16.21 8.65 -66.40
N THR C 166 15.05 9.08 -66.86
CA THR C 166 14.83 10.12 -67.85
C THR C 166 13.84 11.13 -67.31
N PHE C 167 13.00 10.70 -66.36
CA PHE C 167 12.03 11.44 -65.60
C PHE C 167 12.16 10.87 -64.21
N CYS C 168 11.69 11.58 -63.19
CA CYS C 168 11.82 11.05 -61.83
C CYS C 168 10.45 10.81 -61.21
N PHE C 169 9.97 9.58 -61.41
CA PHE C 169 8.68 9.11 -60.90
C PHE C 169 8.78 7.59 -60.79
N GLU C 170 7.81 6.99 -60.23
CA GLU C 170 7.98 5.63 -60.02
C GLU C 170 7.41 5.08 -61.24
N LYS C 171 8.07 4.06 -61.73
CA LYS C 171 7.67 3.43 -62.93
C LYS C 171 6.20 3.01 -62.87
N PHE C 172 5.44 3.22 -63.94
CA PHE C 172 4.05 2.76 -63.98
C PHE C 172 3.79 1.33 -63.47
N PRO C 173 4.32 0.26 -64.10
CA PRO C 173 4.06 -1.07 -63.50
C PRO C 173 4.91 -1.23 -62.31
N MET C 174 4.70 -2.13 -61.37
CA MET C 174 5.64 -2.31 -60.24
C MET C 174 6.41 -3.66 -60.27
N GLU C 175 7.75 -3.65 -60.29
CA GLU C 175 8.49 -4.85 -60.39
C GLU C 175 8.02 -6.05 -59.60
N GLY C 176 7.46 -5.86 -58.43
CA GLY C 176 7.12 -6.97 -57.60
C GLY C 176 7.67 -6.44 -56.35
N TRP C 177 8.98 -6.54 -56.14
CA TRP C 177 9.39 -6.11 -54.81
C TRP C 177 8.97 -4.68 -54.52
N VAL C 178 8.74 -3.87 -55.55
CA VAL C 178 8.36 -2.47 -55.33
C VAL C 178 7.00 -2.41 -54.65
N ALA C 179 6.03 -3.17 -55.16
CA ALA C 179 4.70 -3.16 -54.55
C ALA C 179 4.74 -3.74 -53.15
N TRP C 180 5.58 -4.76 -52.92
CA TRP C 180 5.67 -5.34 -51.59
C TRP C 180 6.27 -4.35 -50.59
N MET C 181 7.28 -3.59 -51.01
CA MET C 181 7.83 -2.57 -50.12
C MET C 181 6.84 -1.44 -49.92
N ASN C 182 6.01 -1.16 -50.93
CA ASN C 182 5.00 -0.13 -50.78
C ASN C 182 3.95 -0.55 -49.76
N LEU C 183 3.61 -1.85 -49.76
CA LEU C 183 2.67 -2.35 -48.77
C LEU C 183 3.31 -2.34 -47.38
N TYR C 184 4.59 -2.69 -47.30
CA TYR C 184 5.29 -2.61 -46.03
C TYR C 184 5.22 -1.20 -45.47
N ARG C 185 5.54 -0.21 -46.30
CA ARG C 185 5.59 1.17 -45.84
C ARG C 185 4.19 1.70 -45.48
N VAL C 186 3.17 1.32 -46.25
CA VAL C 186 1.80 1.69 -45.91
C VAL C 186 1.41 1.10 -44.56
N PHE C 187 1.68 -0.20 -44.36
CA PHE C 187 1.22 -0.86 -43.14
C PHE C 187 2.11 -0.54 -41.95
N VAL C 188 3.43 -0.54 -42.13
CA VAL C 188 4.35 -0.28 -41.02
C VAL C 188 4.67 1.20 -40.91
N GLY C 189 4.95 1.85 -42.04
CA GLY C 189 5.27 3.26 -42.02
C GLY C 189 4.12 4.12 -41.55
N PHE C 190 2.95 3.95 -42.16
CA PHE C 190 1.77 4.76 -41.87
C PHE C 190 0.82 4.14 -40.85
N LEU C 191 0.29 2.95 -41.14
CA LEU C 191 -0.78 2.40 -40.30
C LEU C 191 -0.31 2.05 -38.89
N PHE C 192 0.90 1.52 -38.74
CA PHE C 192 1.38 1.19 -37.38
C PHE C 192 1.44 2.43 -36.49
N PRO C 193 2.22 3.47 -36.81
CA PRO C 193 2.23 4.64 -35.93
C PRO C 193 0.90 5.38 -35.89
N TRP C 194 0.08 5.29 -36.93
CA TRP C 194 -1.23 5.91 -36.87
C TRP C 194 -2.09 5.22 -35.82
N ALA C 195 -2.12 3.89 -35.83
CA ALA C 195 -2.88 3.16 -34.83
C ALA C 195 -2.34 3.47 -33.45
N LEU C 196 -1.03 3.63 -33.32
CA LEU C 196 -0.47 3.96 -32.01
C LEU C 196 -0.92 5.34 -31.57
N MET C 197 -1.03 6.29 -32.51
CA MET C 197 -1.49 7.63 -32.17
C MET C 197 -2.96 7.62 -31.75
N LEU C 198 -3.78 6.79 -32.40
CA LEU C 198 -5.18 6.70 -32.02
C LEU C 198 -5.33 6.06 -30.64
N LEU C 199 -4.51 5.04 -30.35
CA LEU C 199 -4.56 4.43 -29.04
C LEU C 199 -4.09 5.41 -27.98
N SER C 200 -3.08 6.22 -28.29
CA SER C 200 -2.60 7.22 -27.35
C SER C 200 -3.67 8.27 -27.11
N TYR C 201 -4.36 8.70 -28.16
CA TYR C 201 -5.44 9.67 -28.01
C TYR C 201 -6.54 9.15 -27.09
N ARG C 202 -7.01 7.92 -27.32
CA ARG C 202 -8.07 7.40 -26.46
C ARG C 202 -7.57 7.17 -25.04
N GLY C 203 -6.31 6.75 -24.88
CA GLY C 203 -5.75 6.61 -23.54
C GLY C 203 -5.66 7.93 -22.82
N ILE C 204 -5.36 9.00 -23.56
CA ILE C 204 -5.33 10.34 -22.98
C ILE C 204 -6.74 10.75 -22.58
N LEU C 205 -7.72 10.50 -23.44
CA LEU C 205 -9.08 10.90 -23.10
C LEU C 205 -9.54 10.19 -21.85
N ARG C 206 -9.22 8.89 -21.73
CA ARG C 206 -9.62 8.13 -20.56
C ARG C 206 -8.90 8.62 -19.30
N ALA C 207 -7.59 8.82 -19.38
CA ALA C 207 -6.83 9.26 -18.21
C ALA C 207 -7.28 10.62 -17.74
N VAL C 208 -7.56 11.53 -18.68
CA VAL C 208 -7.97 12.88 -18.32
C VAL C 208 -9.37 12.87 -17.75
N ASP C 209 -10.28 12.11 -18.36
CA ASP C 209 -11.65 12.08 -17.87
C ASP C 209 -11.72 11.43 -16.51
N LYS C 210 -10.89 10.40 -16.26
CA LYS C 210 -10.90 9.78 -14.95
C LYS C 210 -10.32 10.72 -13.89
N ARG C 211 -9.15 11.31 -14.11
CA ARG C 211 -8.58 12.28 -13.14
C ARG C 211 -9.61 13.37 -12.88
N LYS C 212 -10.22 13.97 -13.93
CA LYS C 212 -11.20 15.04 -13.73
C LYS C 212 -12.40 14.56 -12.92
N ALA C 213 -12.94 13.39 -13.26
CA ALA C 213 -14.11 12.88 -12.54
C ALA C 213 -13.78 12.63 -11.08
N ASP C 214 -12.57 12.12 -10.80
CA ASP C 214 -12.17 11.84 -9.43
C ASP C 214 -11.99 13.13 -8.65
N LEU C 215 -11.45 14.16 -9.30
CA LEU C 215 -11.29 15.45 -8.64
C LEU C 215 -12.65 16.08 -8.38
N GLU C 216 -13.87 15.71 -8.94
CA GLU C 216 -15.24 16.17 -8.68
C GLU C 216 -15.82 15.43 -7.48
N ASP C 217 -15.45 14.16 -7.31
CA ASP C 217 -15.96 13.41 -6.17
C ASP C 217 -15.47 14.05 -4.88
N ASN C 218 -14.19 14.47 -4.88
CA ASN C 218 -13.65 15.06 -3.67
C ASN C 218 -14.29 16.43 -3.43
N TRP C 219 -14.54 17.17 -4.51
CA TRP C 219 -15.11 18.51 -4.37
C TRP C 219 -16.51 18.42 -3.78
N GLU C 220 -17.28 17.41 -4.22
CA GLU C 220 -18.63 17.27 -3.70
C GLU C 220 -18.64 16.80 -2.25
N THR C 221 -17.75 15.85 -1.89
CA THR C 221 -17.76 15.44 -0.49
C THR C 221 -17.33 16.60 0.41
N LEU C 222 -16.37 17.42 -0.05
CA LEU C 222 -15.95 18.55 0.75
C LEU C 222 -17.08 19.56 0.88
N ASN C 223 -17.79 19.82 -0.22
CA ASN C 223 -18.82 20.85 -0.25
C ASN C 223 -19.96 20.46 0.67
N ASP C 224 -20.38 19.20 0.61
CA ASP C 224 -21.53 18.79 1.42
C ASP C 224 -21.13 18.70 2.88
N ASN C 225 -19.90 18.25 3.17
CA ASN C 225 -19.51 18.17 4.57
C ASN C 225 -19.38 19.57 5.16
N LEU C 226 -18.97 20.54 4.35
CA LEU C 226 -18.92 21.91 4.86
C LEU C 226 -20.34 22.42 5.09
N LYS C 227 -21.27 22.08 4.20
CA LYS C 227 -22.65 22.50 4.39
C LYS C 227 -23.22 21.96 5.70
N VAL C 228 -22.94 20.67 5.99
CA VAL C 228 -23.46 20.10 7.21
C VAL C 228 -22.82 20.80 8.41
N ILE C 229 -21.51 21.06 8.35
CA ILE C 229 -20.88 21.77 9.46
C ILE C 229 -21.56 23.11 9.65
N GLU C 230 -21.96 23.74 8.54
CA GLU C 230 -22.65 25.02 8.61
C GLU C 230 -23.96 24.90 9.37
N LYS C 231 -24.66 23.77 9.22
CA LYS C 231 -25.93 23.61 9.91
C LYS C 231 -25.91 22.58 11.03
N ALA C 232 -24.73 22.03 11.37
CA ALA C 232 -24.66 21.03 12.42
C ALA C 232 -24.91 21.65 13.79
N ASP C 233 -25.53 20.88 14.68
CA ASP C 233 -25.71 21.29 16.07
C ASP C 233 -24.82 20.52 17.03
N ASN C 234 -24.93 19.20 17.07
CA ASN C 234 -24.15 18.39 17.98
C ASN C 234 -22.70 18.30 17.51
N ALA C 235 -21.77 18.39 18.46
CA ALA C 235 -20.35 18.33 18.13
C ALA C 235 -19.99 17.04 17.36
N ALA C 236 -20.71 15.95 17.62
CA ALA C 236 -20.41 14.68 16.97
C ALA C 236 -20.53 14.77 15.45
N GLN C 237 -21.44 15.62 14.97
CA GLN C 237 -21.60 15.68 13.53
C GLN C 237 -20.55 16.57 12.92
N VAL C 238 -20.15 17.63 13.63
CA VAL C 238 -19.06 18.46 13.13
C VAL C 238 -17.81 17.61 13.05
N LYS C 239 -17.64 16.71 14.03
CA LYS C 239 -16.47 15.85 14.08
C LYS C 239 -16.43 14.92 12.89
N ASP C 240 -17.54 14.24 12.60
CA ASP C 240 -17.49 13.30 11.48
C ASP C 240 -17.42 14.03 10.15
N ALA C 241 -18.00 15.23 10.06
CA ALA C 241 -17.91 16.00 8.84
C ALA C 241 -16.46 16.37 8.58
N LEU C 242 -15.74 16.78 9.63
CA LEU C 242 -14.34 17.15 9.48
C LEU C 242 -13.52 15.92 9.12
N THR C 243 -13.89 14.76 9.67
CA THR C 243 -13.18 13.53 9.36
C THR C 243 -13.22 13.25 7.87
N LYS C 244 -14.41 13.38 7.27
CA LYS C 244 -14.47 13.12 5.84
C LYS C 244 -13.83 14.25 5.05
N MET C 245 -13.91 15.49 5.56
CA MET C 245 -13.24 16.59 4.88
C MET C 245 -11.75 16.30 4.77
N ARG C 246 -11.17 15.78 5.85
CA ARG C 246 -9.74 15.48 5.88
C ARG C 246 -9.42 14.35 4.92
N ALA C 247 -10.26 13.32 4.88
CA ALA C 247 -9.95 12.22 3.97
C ALA C 247 -9.95 12.72 2.54
N ALA C 248 -10.90 13.59 2.21
CA ALA C 248 -10.99 14.14 0.86
C ALA C 248 -9.77 14.99 0.55
N ALA C 249 -9.34 15.82 1.51
CA ALA C 249 -8.20 16.68 1.29
C ALA C 249 -6.93 15.87 1.03
N LEU C 250 -6.75 14.78 1.79
CA LEU C 250 -5.55 13.99 1.59
C LEU C 250 -5.59 13.29 0.24
N ASP C 251 -6.77 12.80 -0.15
CA ASP C 251 -6.87 12.14 -1.45
C ASP C 251 -6.57 13.11 -2.59
N ALA C 252 -7.05 14.36 -2.44
CA ALA C 252 -6.79 15.35 -3.47
C ALA C 252 -5.31 15.70 -3.54
N GLN C 253 -4.64 15.81 -2.38
CA GLN C 253 -3.21 16.09 -2.45
C GLN C 253 -2.49 14.93 -3.13
N LYS C 254 -2.93 13.70 -2.88
CA LYS C 254 -2.29 12.58 -3.55
C LYS C 254 -2.44 12.76 -5.05
N ALA C 255 -3.64 13.18 -5.48
CA ALA C 255 -3.87 13.41 -6.90
C ALA C 255 -2.96 14.53 -7.42
N THR C 256 -2.54 15.42 -6.52
CA THR C 256 -1.72 16.57 -6.86
C THR C 256 -0.23 16.25 -6.85
N ASP C 257 0.12 15.04 -6.43
CA ASP C 257 1.53 14.66 -6.29
C ASP C 257 2.03 14.07 -7.61
N LYS C 258 2.94 14.77 -8.27
CA LYS C 258 3.51 14.35 -9.54
C LYS C 258 5.03 14.30 -9.48
N SER C 259 5.59 13.35 -10.23
CA SER C 259 7.03 13.14 -10.27
C SER C 259 7.90 14.32 -10.73
N PRO C 260 7.49 15.21 -11.64
CA PRO C 260 8.42 16.26 -12.06
C PRO C 260 8.48 17.51 -11.18
N ASP C 261 7.68 17.59 -10.13
CA ASP C 261 7.64 18.78 -9.27
C ASP C 261 7.36 20.06 -10.04
N SER C 262 6.29 20.05 -10.84
CA SER C 262 5.93 21.24 -11.59
C SER C 262 5.67 22.38 -10.63
N PRO C 263 6.04 23.63 -10.98
CA PRO C 263 5.81 24.74 -10.05
C PRO C 263 4.35 24.91 -9.64
N GLU C 264 3.40 24.72 -10.55
CA GLU C 264 2.00 24.88 -10.17
C GLU C 264 1.58 23.82 -9.16
N MET C 265 2.07 22.59 -9.37
CA MET C 265 1.69 21.50 -8.47
C MET C 265 2.25 21.73 -7.08
N LYS C 266 3.45 22.32 -6.98
CA LYS C 266 3.99 22.61 -5.66
C LYS C 266 3.07 23.58 -4.94
N ASP C 267 2.56 24.58 -5.66
CA ASP C 267 1.66 25.54 -5.02
C ASP C 267 0.39 24.83 -4.57
N PHE C 268 -0.10 23.89 -5.37
CA PHE C 268 -1.30 23.17 -5.00
C PHE C 268 -1.04 22.34 -3.74
N ARG C 269 0.16 21.78 -3.64
CA ARG C 269 0.51 20.98 -2.47
C ARG C 269 0.54 21.87 -1.24
N HIS C 270 1.08 23.09 -1.39
CA HIS C 270 1.14 23.99 -0.25
C HIS C 270 -0.26 24.37 0.17
N GLY C 271 -1.13 24.62 -0.82
CA GLY C 271 -2.49 25.03 -0.49
C GLY C 271 -3.19 23.93 0.25
N PHE C 272 -2.98 22.69 -0.19
CA PHE C 272 -3.64 21.56 0.46
C PHE C 272 -3.10 21.40 1.88
N ASP C 273 -1.80 21.68 2.08
CA ASP C 273 -1.26 21.58 3.44
C ASP C 273 -1.92 22.61 4.34
N ILE C 274 -2.12 23.83 3.81
CA ILE C 274 -2.76 24.88 4.58
C ILE C 274 -4.18 24.45 4.92
N LEU C 275 -4.88 23.88 3.94
CA LEU C 275 -6.25 23.43 4.12
C LEU C 275 -6.32 22.37 5.22
N VAL C 276 -5.41 21.39 5.16
CA VAL C 276 -5.43 20.31 6.14
C VAL C 276 -5.13 20.88 7.52
N GLY C 277 -4.22 21.85 7.60
CA GLY C 277 -3.92 22.45 8.89
C GLY C 277 -5.14 23.16 9.46
N GLN C 278 -5.91 23.82 8.59
CA GLN C 278 -7.11 24.51 9.05
C GLN C 278 -8.14 23.50 9.52
N ILE C 279 -8.24 22.37 8.81
CA ILE C 279 -9.19 21.33 9.17
C ILE C 279 -8.80 20.75 10.53
N ASP C 280 -7.51 20.61 10.79
CA ASP C 280 -7.07 20.08 12.07
C ASP C 280 -7.34 21.10 13.19
N ASP C 281 -7.11 22.38 12.90
CA ASP C 281 -7.38 23.38 13.92
C ASP C 281 -8.84 23.35 14.31
N ALA C 282 -9.72 23.23 13.32
CA ALA C 282 -11.15 23.19 13.61
C ALA C 282 -11.50 21.90 14.33
N LEU C 283 -10.94 20.77 13.88
CA LEU C 283 -11.26 19.48 14.48
C LEU C 283 -10.91 19.47 15.96
N LYS C 284 -9.76 20.05 16.31
CA LYS C 284 -9.40 20.06 17.74
C LYS C 284 -10.25 21.08 18.48
N LEU C 285 -10.54 22.22 17.86
CA LEU C 285 -11.38 23.20 18.55
C LEU C 285 -12.73 22.56 18.87
N ALA C 286 -13.20 21.70 17.96
CA ALA C 286 -14.48 21.01 18.14
C ALA C 286 -14.38 19.96 19.23
N ASN C 287 -13.26 19.23 19.29
CA ASN C 287 -13.13 18.22 20.34
C ASN C 287 -13.18 18.87 21.71
N GLU C 288 -12.66 20.10 21.81
CA GLU C 288 -12.70 20.84 23.06
C GLU C 288 -14.13 21.10 23.49
N GLY C 289 -15.03 21.27 22.52
CA GLY C 289 -16.43 21.52 22.77
C GLY C 289 -16.88 22.96 22.57
N LYS C 290 -16.07 23.79 21.92
CA LYS C 290 -16.43 25.18 21.67
C LYS C 290 -17.14 25.26 20.32
N VAL C 291 -18.43 25.63 20.35
CA VAL C 291 -19.27 25.69 19.16
C VAL C 291 -18.71 26.61 18.08
N LYS C 292 -17.83 27.55 18.43
CA LYS C 292 -17.27 28.47 17.45
C LYS C 292 -16.58 27.78 16.28
N GLU C 293 -16.33 26.47 16.37
CA GLU C 293 -15.73 25.76 15.25
C GLU C 293 -16.55 25.93 13.98
N ALA C 294 -17.87 26.13 14.12
CA ALA C 294 -18.69 26.26 12.93
C ALA C 294 -18.22 27.44 12.09
N GLN C 295 -17.89 28.54 12.75
CA GLN C 295 -17.49 29.73 12.01
C GLN C 295 -16.01 29.63 11.66
N ALA C 296 -15.25 28.95 12.51
CA ALA C 296 -13.83 28.78 12.23
C ALA C 296 -13.66 28.07 10.89
N ALA C 297 -14.27 26.89 10.76
CA ALA C 297 -14.14 26.13 9.53
C ALA C 297 -14.87 26.81 8.39
N ALA C 298 -16.07 27.37 8.67
CA ALA C 298 -16.88 27.99 7.63
C ALA C 298 -16.20 29.19 7.02
N GLU C 299 -15.19 29.74 7.69
CA GLU C 299 -14.52 30.90 7.13
C GLU C 299 -13.14 30.53 6.62
N GLN C 300 -12.43 29.66 7.33
CA GLN C 300 -11.06 29.36 6.94
C GLN C 300 -11.03 28.52 5.66
N LEU C 301 -11.94 27.53 5.56
CA LEU C 301 -11.87 26.71 4.36
C LEU C 301 -12.39 27.49 3.16
N LYS C 302 -13.37 28.37 3.40
CA LYS C 302 -13.90 29.18 2.31
C LYS C 302 -12.81 30.11 1.79
N THR C 303 -12.07 30.74 2.71
CA THR C 303 -11.00 31.65 2.35
C THR C 303 -9.90 30.92 1.57
N THR C 304 -9.56 29.70 1.99
CA THR C 304 -8.53 28.97 1.27
C THR C 304 -9.01 28.56 -0.11
N ARG C 305 -10.28 28.17 -0.24
CA ARG C 305 -10.77 27.78 -1.56
C ARG C 305 -10.90 28.99 -2.49
N ASN C 306 -11.15 30.16 -1.91
CA ASN C 306 -11.36 31.40 -2.65
C ASN C 306 -10.24 31.73 -3.63
N ALA C 307 -9.04 31.16 -3.48
CA ALA C 307 -7.98 31.52 -4.41
C ALA C 307 -7.41 30.39 -5.24
N TYR C 308 -7.43 29.14 -4.78
CA TYR C 308 -6.85 28.09 -5.61
C TYR C 308 -7.73 27.73 -6.81
N ILE C 309 -9.01 28.15 -6.81
CA ILE C 309 -9.93 27.75 -7.89
C ILE C 309 -9.45 28.24 -9.25
N GLN C 310 -8.86 29.44 -9.33
CA GLN C 310 -8.42 29.90 -10.65
C GLN C 310 -7.28 29.04 -11.17
N LYS C 311 -6.40 28.61 -10.26
CA LYS C 311 -5.30 27.76 -10.68
C LYS C 311 -5.86 26.43 -11.16
N TYR C 312 -6.87 25.92 -10.44
CA TYR C 312 -7.49 24.65 -10.81
C TYR C 312 -8.08 24.76 -12.21
N LEU C 313 -8.69 25.91 -12.52
CA LEU C 313 -9.29 26.10 -13.85
C LEU C 313 -8.20 26.11 -14.90
N GLU C 314 -7.06 26.73 -14.58
CA GLU C 314 -5.92 26.74 -15.53
C GLU C 314 -5.46 25.30 -15.78
N TYR C 315 -5.39 24.49 -14.72
CA TYR C 315 -4.95 23.07 -14.85
C TYR C 315 -5.94 22.33 -15.75
N LEU C 316 -7.24 22.55 -15.52
CA LEU C 316 -8.29 21.89 -16.35
C LEU C 316 -8.08 22.28 -17.82
N ASP C 317 -7.78 23.56 -18.08
CA ASP C 317 -7.57 24.01 -19.44
C ASP C 317 -6.35 23.34 -20.03
N GLY C 318 -5.32 23.14 -19.20
CA GLY C 318 -4.12 22.48 -19.67
C GLY C 318 -4.42 21.05 -20.12
N LEU C 319 -5.22 20.34 -19.33
CA LEU C 319 -5.54 18.97 -19.71
C LEU C 319 -6.34 18.96 -21.01
N GLU C 320 -7.24 19.94 -21.17
CA GLU C 320 -8.01 19.98 -22.42
C GLU C 320 -7.11 20.30 -23.61
N ARG C 321 -6.12 21.17 -23.42
CA ARG C 321 -5.21 21.51 -24.51
C ARG C 321 -4.35 20.31 -24.90
N ILE C 322 -4.00 19.26 -23.97
CA ILE C 322 -3.35 18.00 -24.31
C ILE C 322 -4.26 17.18 -25.22
N LYS C 323 -5.55 17.13 -24.90
CA LYS C 323 -6.50 16.43 -25.75
C LYS C 323 -6.53 17.04 -27.15
N ARG C 324 -6.51 18.38 -27.22
CA ARG C 324 -6.52 19.05 -28.51
C ARG C 324 -5.27 18.73 -29.29
N LEU C 325 -4.12 18.65 -28.61
CA LEU C 325 -2.88 18.32 -29.27
C LEU C 325 -2.96 16.93 -29.89
N ALA C 326 -3.42 15.94 -29.10
CA ALA C 326 -3.49 14.58 -29.64
C ALA C 326 -4.46 14.49 -30.81
N LEU C 327 -5.60 15.18 -30.72
CA LEU C 327 -6.57 15.09 -31.80
C LEU C 327 -6.10 15.83 -33.04
N SER C 328 -5.51 17.02 -32.87
CA SER C 328 -5.03 17.77 -34.02
C SER C 328 -3.88 17.04 -34.68
N LEU C 329 -3.04 16.38 -33.88
CA LEU C 329 -1.91 15.65 -34.42
C LEU C 329 -2.39 14.47 -35.25
N ILE C 330 -3.45 13.79 -34.77
CA ILE C 330 -4.04 12.71 -35.58
C ILE C 330 -4.61 13.28 -36.87
N ALA C 331 -5.32 14.41 -36.77
CA ALA C 331 -5.88 15.02 -37.97
C ALA C 331 -4.80 15.41 -38.96
N ILE C 332 -3.65 15.87 -38.45
CA ILE C 332 -2.54 16.22 -39.33
C ILE C 332 -2.05 14.99 -40.07
N VAL C 333 -1.86 13.89 -39.33
CA VAL C 333 -1.38 12.66 -39.98
C VAL C 333 -2.39 12.16 -40.99
N LEU C 334 -3.69 12.36 -40.75
CA LEU C 334 -4.71 11.84 -41.65
C LEU C 334 -4.97 12.74 -42.85
N VAL C 335 -4.76 14.04 -42.73
CA VAL C 335 -4.91 14.92 -43.88
C VAL C 335 -3.66 14.93 -44.76
N CYS C 336 -2.49 15.04 -44.14
CA CYS C 336 -1.25 15.14 -44.92
C CYS C 336 -0.88 13.83 -45.61
N PHE C 337 -1.08 12.68 -44.95
CA PHE C 337 -0.57 11.42 -45.49
C PHE C 337 -1.62 10.41 -45.92
N ALA C 338 -2.85 10.49 -45.42
CA ALA C 338 -3.80 9.42 -45.76
C ALA C 338 -4.07 9.28 -47.25
N PRO C 339 -4.31 10.36 -48.01
CA PRO C 339 -4.57 10.16 -49.46
C PRO C 339 -3.41 9.53 -50.20
N TYR C 340 -2.18 9.71 -49.71
CA TYR C 340 -1.03 9.17 -50.44
C TYR C 340 -0.89 7.69 -50.16
N HIS C 341 -1.02 7.28 -48.91
CA HIS C 341 -0.86 5.87 -48.61
C HIS C 341 -2.08 5.10 -49.08
N VAL C 342 -3.23 5.78 -49.16
CA VAL C 342 -4.43 5.14 -49.70
C VAL C 342 -4.27 4.85 -51.19
N LEU C 343 -3.76 5.82 -51.96
CA LEU C 343 -3.59 5.52 -53.38
C LEU C 343 -2.38 4.64 -53.63
N LEU C 344 -1.37 4.69 -52.76
CA LEU C 344 -0.24 3.78 -52.91
C LEU C 344 -0.67 2.34 -52.66
N LEU C 345 -1.52 2.14 -51.65
CA LEU C 345 -2.06 0.81 -51.38
C LEU C 345 -2.97 0.36 -52.52
N SER C 346 -3.77 1.27 -53.06
CA SER C 346 -4.66 0.86 -54.15
C SER C 346 -3.88 0.44 -55.39
N ARG C 347 -2.89 1.20 -55.78
CA ARG C 347 -1.98 0.85 -56.87
C ARG C 347 -1.09 -0.36 -56.59
N SER C 348 -0.91 -0.71 -55.33
CA SER C 348 -0.22 -1.96 -55.06
C SER C 348 -1.17 -3.15 -55.11
N ALA C 349 -2.38 -2.97 -54.58
CA ALA C 349 -3.36 -4.06 -54.63
C ALA C 349 -3.70 -4.38 -56.07
N ILE C 350 -3.64 -3.43 -56.95
CA ILE C 350 -3.77 -3.80 -58.36
C ILE C 350 -2.61 -4.72 -58.88
N TYR C 351 -1.30 -4.44 -58.63
CA TYR C 351 -0.16 -5.19 -59.28
C TYR C 351 -0.13 -6.44 -58.73
N LEU C 352 -0.64 -6.47 -57.57
CA LEU C 352 -0.56 -7.71 -56.91
C LEU C 352 -1.89 -8.46 -57.09
N GLY C 353 -2.70 -8.07 -58.11
CA GLY C 353 -3.95 -8.74 -58.29
C GLY C 353 -4.41 -8.62 -59.73
N ARG C 354 -5.71 -8.76 -59.93
CA ARG C 354 -6.33 -8.63 -61.24
C ARG C 354 -7.54 -7.73 -61.13
N GLY C 359 -10.71 1.32 -67.25
CA GLY C 359 -10.76 1.22 -65.81
C GLY C 359 -9.90 2.26 -65.14
N PHE C 360 -10.49 3.03 -64.22
CA PHE C 360 -9.70 3.99 -63.50
C PHE C 360 -8.51 3.18 -63.15
N GLU C 361 -7.40 3.48 -63.77
CA GLU C 361 -6.21 2.82 -63.42
C GLU C 361 -5.17 3.82 -63.80
N GLU C 362 -5.39 4.50 -64.90
CA GLU C 362 -4.47 5.53 -65.23
C GLU C 362 -5.12 6.56 -64.50
N ARG C 363 -6.44 6.46 -64.48
CA ARG C 363 -7.12 7.55 -63.87
C ARG C 363 -6.62 7.56 -62.44
N VAL C 364 -6.14 6.44 -61.98
CA VAL C 364 -5.65 6.52 -60.63
C VAL C 364 -4.34 7.17 -60.63
N PHE C 365 -3.51 7.39 -61.81
CA PHE C 365 -2.09 7.68 -61.67
C PHE C 365 -1.90 9.17 -61.47
N SER C 366 -2.97 10.11 -61.70
CA SER C 366 -2.79 11.50 -61.42
C SER C 366 -3.54 11.81 -60.19
N ALA C 367 -4.00 10.78 -59.48
CA ALA C 367 -4.64 11.10 -58.29
C ALA C 367 -3.63 10.67 -57.44
N TYR C 368 -2.84 9.70 -57.90
CA TYR C 368 -1.72 9.28 -57.07
C TYR C 368 -0.66 10.37 -57.03
N HIS C 369 -0.31 10.93 -58.19
CA HIS C 369 0.69 11.99 -58.24
C HIS C 369 0.21 13.24 -57.51
N SER C 370 -1.09 13.54 -57.59
CA SER C 370 -1.62 14.68 -56.87
C SER C 370 -1.54 14.45 -55.37
N SER C 371 -1.59 13.19 -54.93
CA SER C 371 -1.60 12.94 -53.50
C SER C 371 -0.17 12.88 -52.99
N LEU C 372 0.74 12.50 -53.88
CA LEU C 372 2.15 12.59 -53.59
C LEU C 372 2.51 14.06 -53.37
N ALA C 373 2.09 14.93 -54.28
CA ALA C 373 2.38 16.35 -54.05
C ALA C 373 1.70 16.82 -52.78
N PHE C 374 0.48 16.34 -52.52
CA PHE C 374 -0.28 16.77 -51.36
C PHE C 374 0.39 16.39 -50.05
N THR C 375 1.28 15.39 -50.08
CA THR C 375 1.94 14.96 -48.84
C THR C 375 2.96 15.97 -48.34
N SER C 376 3.30 16.98 -49.15
CA SER C 376 4.27 18.00 -48.79
C SER C 376 3.71 19.03 -47.81
N LEU C 377 2.42 18.99 -47.51
CA LEU C 377 1.83 19.92 -46.56
C LEU C 377 2.18 19.58 -45.12
N ASN C 378 2.84 18.43 -44.89
CA ASN C 378 3.37 18.17 -43.57
C ASN C 378 4.52 19.10 -43.23
N CYS C 379 5.03 19.84 -44.21
CA CYS C 379 6.03 20.86 -43.97
C CYS C 379 5.38 22.13 -43.45
N VAL C 380 4.06 22.23 -43.59
CA VAL C 380 3.28 23.34 -43.09
C VAL C 380 2.64 23.00 -41.75
N ALA C 381 2.10 21.79 -41.63
CA ALA C 381 1.49 21.37 -40.38
C ALA C 381 2.51 21.32 -39.24
N ASP C 382 3.72 20.83 -39.51
CA ASP C 382 4.75 20.72 -38.48
C ASP C 382 5.05 22.02 -37.74
N PRO C 383 5.25 23.15 -38.41
CA PRO C 383 5.43 24.43 -37.68
C PRO C 383 4.17 24.92 -36.98
N ILE C 384 3.01 24.30 -37.22
CA ILE C 384 1.79 24.74 -36.57
C ILE C 384 1.69 24.14 -35.18
N LEU C 385 2.18 22.91 -35.00
CA LEU C 385 2.15 22.26 -33.70
C LEU C 385 2.70 23.16 -32.60
N TYR C 386 3.49 24.18 -32.97
CA TYR C 386 4.04 25.11 -32.00
C TYR C 386 2.95 25.81 -31.21
N CYS C 387 1.81 26.07 -31.85
CA CYS C 387 0.70 26.75 -31.20
C CYS C 387 -0.10 25.82 -30.29
N LEU C 388 0.16 24.51 -30.36
CA LEU C 388 -0.53 23.53 -29.54
C LEU C 388 0.26 23.15 -28.29
N VAL C 389 1.59 23.13 -28.38
CA VAL C 389 2.41 22.82 -27.21
C VAL C 389 2.39 23.99 -26.24
N ASN C 390 2.59 25.21 -26.75
CA ASN C 390 2.57 26.40 -25.93
C ASN C 390 2.68 27.65 -26.81
C10 A1L1E D . 6.21 12.94 -60.66
C13 A1L1E D . 6.50 13.89 -63.25
C15 A1L1E D . 7.46 13.31 -61.12
C17 A1L1E D . 7.25 15.64 -66.40
C20 A1L1E D . 6.02 18.36 -67.17
C21 A1L1E D . 6.21 16.85 -69.09
C22 A1L1E D . 7.65 16.50 -68.68
C24 A1L1E D . 8.63 15.81 -54.78
C12 A1L1E D . 5.25 13.52 -62.79
C16 A1L1E D . 6.65 14.42 -64.69
C18 A1L1E D . 7.93 16.73 -67.24
C19 A1L1E D . 7.45 18.06 -66.77
C23 A1L1E D . 10.24 11.17 -55.70
C1 A1L1E D . 3.48 14.94 -58.34
C11 A1L1E D . 5.11 13.04 -61.49
C14 A1L1E D . 7.60 13.80 -62.42
C2 A1L1E D . 4.86 15.42 -58.79
C3 A1L1E D . 5.98 14.75 -58.01
C4 A1L1E D . 8.55 14.51 -55.57
C5 A1L1E D . 9.39 13.49 -55.29
C6 A1L1E D . 9.31 12.33 -56.01
C7 A1L1E D . 7.54 13.28 -57.26
C8 A1L1E D . 6.50 13.45 -58.20
C9 A1L1E D . 6.04 12.41 -59.23
N1 A1L1E D . 6.69 15.31 -57.01
N2 A1L1E D . 7.63 14.38 -56.57
N3 A1L1E D . 8.39 12.21 -56.98
N4 A1L1E D . 6.08 13.91 -65.76
N5 A1L1E D . 6.46 14.68 -66.84
N6 A1L1E D . 5.81 18.20 -68.62
O1 A1L1E D . 7.38 15.48 -65.07
#